data_4GEB
#
_entry.id   4GEB
#
_cell.length_a   85.616
_cell.length_b   114.682
_cell.length_c   116.523
_cell.angle_alpha   90.000
_cell.angle_beta   90.000
_cell.angle_gamma   90.000
#
_symmetry.space_group_name_H-M   'P 21 21 21'
#
loop_
_entity.id
_entity.type
_entity.pdbx_description
1 polymer 'Kynurenine/alpha-aminoadipate aminotransferase, mitochondrial'
2 non-polymer '(5-hydroxy-4-{[(7-hydroxy-6-oxo-2-phenyl-6,7-dihydro-2H-pyrazolo[3,4-b]pyridin-5-yl)amino]methyl}-6-methylpyridin-3-yl)methyl dihydrogen phosphate'
3 non-polymer 'SULFATE ION'
4 water water
#
_entity_poly.entity_id   1
_entity_poly.type   'polypeptide(L)'
_entity_poly.pdbx_seq_one_letter_code
;MNYARFITAASAARNPSPIRTMTDILSRGPKSMISLAGGLPNPNMFPFKTAVITVENGKTIQFGEEMMKRALQYSPSAGI
PELLSWLKQLQIKLHNPPTIHYPPSQGQMDLCVTSGSQQGLCKVFEMIINPGDNVLLDEPAYSGTLQSLHPLGCNIINVA
SDESGIVPDSLRDILSRWKPEDAKNPQKNTPKFLYTVPNGNNPTGNSLTSERKKEIYELARKYDFLIIEDDPYYFLQFNS
GRVPTFLSMDVDGRVIRADSFSKIISSGLRIGFLTGPKPLIERVILHIQVSTLHPSTFNQLMISQLLHEWGEEGFMAHVD
RVIDFYSNQKDAILAAADKWLTGLAEWHVPAAGMFLWIKVKGINDVKELIEEKAVKMGVLMLPGNAFYVDSSAPSPYLRA
SFSSASPEQMDVAFQVLAQLIKESLLVPRGSLEHHHHHH
;
_entity_poly.pdbx_strand_id   A,B
#
loop_
_chem_comp.id
_chem_comp.type
_chem_comp.name
_chem_comp.formula
0LD non-polymer '(5-hydroxy-4-{[(7-hydroxy-6-oxo-2-phenyl-6,7-dihydro-2H-pyrazolo[3,4-b]pyridin-5-yl)amino]methyl}-6-methylpyridin-3-yl)methyl dihydrogen phosphate' 'C20 H20 N5 O7 P'
SO4 non-polymer 'SULFATE ION' 'O4 S -2'
#
# COMPACT_ATOMS: atom_id res chain seq x y z
N MET A 1 25.81 -5.04 13.42
CA MET A 1 25.36 -3.66 13.43
C MET A 1 24.22 -3.40 14.40
N ASN A 2 24.08 -2.12 14.86
CA ASN A 2 23.00 -1.71 15.76
C ASN A 2 21.87 -1.13 14.91
N TYR A 3 20.84 -1.94 14.62
CA TYR A 3 19.73 -1.49 13.78
C TYR A 3 18.76 -0.53 14.50
N ALA A 4 18.66 -0.64 15.85
CA ALA A 4 17.79 0.20 16.68
C ALA A 4 17.94 1.71 16.45
N ARG A 5 19.15 2.18 16.16
CA ARG A 5 19.38 3.61 15.91
C ARG A 5 18.82 4.12 14.56
N PHE A 6 18.51 3.22 13.60
CA PHE A 6 17.91 3.55 12.29
C PHE A 6 16.40 3.24 12.28
N ILE A 7 15.78 3.16 13.46
CA ILE A 7 14.35 2.80 13.57
C ILE A 7 13.71 3.83 14.52
N THR A 8 12.61 4.49 14.07
CA THR A 8 11.82 5.40 14.92
C THR A 8 11.19 4.62 16.08
N ALA A 9 10.71 5.34 17.12
CA ALA A 9 10.03 4.75 18.27
C ALA A 9 8.72 4.08 17.79
N ALA A 10 7.98 4.73 16.90
CA ALA A 10 6.76 4.18 16.29
C ALA A 10 7.03 2.83 15.58
N SER A 11 8.11 2.76 14.78
CA SER A 11 8.47 1.55 14.04
C SER A 11 8.85 0.41 14.98
N ALA A 12 9.63 0.72 16.02
CA ALA A 12 10.06 -0.23 17.04
C ALA A 12 8.87 -0.75 17.86
N ALA A 13 7.80 0.06 18.00
CA ALA A 13 6.58 -0.28 18.75
C ALA A 13 5.67 -1.28 18.02
N ARG A 14 5.84 -1.44 16.70
CA ARG A 14 4.99 -2.36 15.92
C ARG A 14 5.14 -3.81 16.39
N ASN A 15 4.00 -4.48 16.50
CA ASN A 15 3.91 -5.89 16.92
C ASN A 15 3.32 -6.73 15.79
N PRO A 16 3.65 -8.03 15.72
CA PRO A 16 3.04 -8.86 14.66
C PRO A 16 1.58 -9.18 14.92
N SER A 17 0.85 -9.49 13.84
CA SER A 17 -0.55 -9.89 13.81
C SER A 17 -0.75 -11.16 14.64
N PRO A 18 -1.92 -11.37 15.30
CA PRO A 18 -2.12 -12.63 16.05
C PRO A 18 -2.06 -13.87 15.14
N ILE A 19 -2.24 -13.68 13.82
CA ILE A 19 -2.19 -14.78 12.83
C ILE A 19 -0.77 -15.33 12.57
N ARG A 20 0.30 -14.59 12.98
CA ARG A 20 1.71 -15.01 12.84
C ARG A 20 1.96 -16.24 13.70
N THR A 21 1.62 -16.15 15.01
CA THR A 21 1.71 -17.23 15.99
C THR A 21 0.90 -18.45 15.53
N MET A 22 -0.29 -18.20 14.91
CA MET A 22 -1.18 -19.23 14.38
C MET A 22 -0.56 -19.98 13.21
N THR A 23 0.20 -19.26 12.35
CA THR A 23 0.90 -19.84 11.18
C THR A 23 2.12 -20.63 11.66
N ASP A 24 2.79 -20.14 12.73
CA ASP A 24 3.97 -20.76 13.34
C ASP A 24 3.60 -22.05 14.07
N ILE A 25 2.37 -22.12 14.64
CA ILE A 25 1.88 -23.31 15.34
C ILE A 25 1.21 -24.31 14.38
N LEU A 26 0.74 -23.86 13.20
CA LEU A 26 0.14 -24.67 12.14
C LEU A 26 1.15 -25.69 11.60
N SER A 27 2.45 -25.30 11.56
CA SER A 27 3.58 -26.14 11.10
C SER A 27 4.19 -26.98 12.26
N ARG A 28 3.52 -26.98 13.45
CA ARG A 28 3.92 -27.71 14.64
C ARG A 28 2.79 -28.60 15.22
N GLY A 29 1.69 -28.71 14.48
CA GLY A 29 0.53 -29.53 14.84
C GLY A 29 0.25 -30.61 13.80
N PRO A 30 -0.94 -31.25 13.82
CA PRO A 30 -1.24 -32.30 12.82
C PRO A 30 -1.40 -31.80 11.37
N LYS A 31 -1.67 -32.72 10.43
CA LYS A 31 -1.82 -32.40 9.00
C LYS A 31 -3.25 -32.01 8.59
N SER A 32 -4.28 -32.81 8.98
CA SER A 32 -5.68 -32.55 8.64
C SER A 32 -6.36 -31.64 9.69
N MET A 33 -5.80 -30.43 9.88
CA MET A 33 -6.26 -29.44 10.83
C MET A 33 -7.50 -28.66 10.43
N ILE A 34 -8.36 -28.36 11.43
CA ILE A 34 -9.56 -27.57 11.26
C ILE A 34 -9.30 -26.17 11.80
N SER A 35 -9.45 -25.18 10.94
CA SER A 35 -9.23 -23.82 11.40
C SER A 35 -10.49 -22.97 11.39
N LEU A 36 -10.76 -22.36 12.54
CA LEU A 36 -11.84 -21.40 12.77
C LEU A 36 -11.16 -20.09 13.26
N ALA A 37 -9.82 -20.01 13.12
CA ALA A 37 -8.96 -18.92 13.59
C ALA A 37 -8.92 -17.70 12.70
N GLY A 38 -8.49 -17.89 11.46
CA GLY A 38 -8.37 -16.80 10.51
C GLY A 38 -9.70 -16.14 10.22
N GLY A 39 -9.64 -14.91 9.73
CA GLY A 39 -10.83 -14.17 9.33
C GLY A 39 -11.02 -14.27 7.82
N LEU A 40 -10.58 -15.42 7.24
CA LEU A 40 -10.68 -15.70 5.80
C LEU A 40 -12.12 -15.86 5.35
N PRO A 41 -12.61 -15.07 4.37
CA PRO A 41 -13.94 -15.32 3.83
C PRO A 41 -13.98 -16.62 3.02
N ASN A 42 -15.20 -17.17 2.77
CA ASN A 42 -15.39 -18.40 2.01
C ASN A 42 -15.04 -18.16 0.54
N PRO A 43 -14.05 -18.91 0.00
CA PRO A 43 -13.60 -18.66 -1.38
C PRO A 43 -14.63 -19.02 -2.47
N ASN A 44 -15.60 -19.89 -2.13
CA ASN A 44 -16.65 -20.33 -3.04
C ASN A 44 -17.72 -19.26 -3.35
N MET A 45 -17.72 -18.16 -2.59
CA MET A 45 -18.63 -17.04 -2.74
C MET A 45 -18.13 -16.04 -3.78
N PHE A 46 -16.84 -16.12 -4.13
CA PHE A 46 -16.20 -15.20 -5.08
C PHE A 46 -16.67 -15.42 -6.53
N PRO A 47 -17.04 -14.32 -7.25
CA PRO A 47 -17.63 -14.48 -8.58
C PRO A 47 -16.70 -14.91 -9.72
N PHE A 48 -15.38 -14.72 -9.59
CA PHE A 48 -14.42 -15.13 -10.64
C PHE A 48 -14.06 -16.59 -10.40
N LYS A 49 -14.17 -17.44 -11.46
CA LYS A 49 -13.97 -18.89 -11.31
C LYS A 49 -12.67 -19.50 -11.82
N THR A 50 -12.27 -19.11 -13.03
CA THR A 50 -11.05 -19.61 -13.70
C THR A 50 -10.51 -18.44 -14.52
N ALA A 51 -9.26 -18.53 -14.95
CA ALA A 51 -8.63 -17.50 -15.75
C ALA A 51 -7.61 -18.09 -16.71
N VAL A 52 -7.57 -17.55 -17.91
CA VAL A 52 -6.57 -17.90 -18.90
C VAL A 52 -5.93 -16.62 -19.40
N ILE A 53 -4.60 -16.51 -19.26
CA ILE A 53 -3.83 -15.34 -19.68
C ILE A 53 -2.79 -15.79 -20.71
N THR A 54 -2.82 -15.21 -21.91
CA THR A 54 -1.83 -15.57 -22.95
C THR A 54 -0.53 -14.79 -22.70
N VAL A 55 0.61 -15.44 -22.98
CA VAL A 55 1.96 -14.91 -22.78
C VAL A 55 2.74 -14.85 -24.12
N GLU A 56 3.61 -13.82 -24.29
CA GLU A 56 4.48 -13.57 -25.46
C GLU A 56 5.44 -14.77 -25.82
N ASN A 57 5.15 -15.57 -26.85
CA ASN A 57 3.94 -15.62 -27.64
C ASN A 57 3.59 -17.07 -27.85
N GLY A 58 2.30 -17.37 -27.71
CA GLY A 58 1.79 -18.73 -27.82
C GLY A 58 1.70 -19.44 -26.48
N LYS A 59 2.46 -18.97 -25.48
CA LYS A 59 2.42 -19.55 -24.13
C LYS A 59 1.09 -19.18 -23.45
N THR A 60 0.72 -19.91 -22.34
CA THR A 60 -0.52 -19.66 -21.61
C THR A 60 -0.45 -19.93 -20.12
N ILE A 61 -0.86 -18.94 -19.33
CA ILE A 61 -0.95 -19.07 -17.88
C ILE A 61 -2.41 -19.38 -17.59
N GLN A 62 -2.66 -20.46 -16.85
CA GLN A 62 -4.01 -20.87 -16.52
C GLN A 62 -4.22 -20.99 -15.04
N PHE A 63 -5.35 -20.46 -14.58
CA PHE A 63 -5.76 -20.55 -13.18
C PHE A 63 -7.02 -21.41 -13.19
N GLY A 64 -6.90 -22.65 -12.74
CA GLY A 64 -8.02 -23.56 -12.58
C GLY A 64 -8.83 -23.16 -11.36
N GLU A 65 -9.86 -23.93 -11.05
CA GLU A 65 -10.76 -23.68 -9.92
C GLU A 65 -10.07 -23.43 -8.59
N GLU A 66 -9.15 -24.34 -8.20
CA GLU A 66 -8.44 -24.22 -6.92
C GLU A 66 -7.41 -23.09 -6.88
N MET A 67 -6.68 -22.92 -7.97
CA MET A 67 -5.68 -21.86 -8.10
C MET A 67 -6.37 -20.48 -8.07
N MET A 68 -7.56 -20.36 -8.71
CA MET A 68 -8.36 -19.12 -8.71
C MET A 68 -8.84 -18.79 -7.28
N LYS A 69 -9.29 -19.80 -6.50
CA LYS A 69 -9.72 -19.58 -5.10
C LYS A 69 -8.56 -19.06 -4.26
N ARG A 70 -7.33 -19.54 -4.54
CA ARG A 70 -6.13 -19.06 -3.84
C ARG A 70 -5.84 -17.61 -4.20
N ALA A 71 -5.83 -17.31 -5.52
CA ALA A 71 -5.60 -15.99 -6.09
C ALA A 71 -6.54 -14.90 -5.55
N LEU A 72 -7.78 -15.25 -5.21
CA LEU A 72 -8.80 -14.34 -4.74
C LEU A 72 -8.87 -14.24 -3.21
N GLN A 73 -8.02 -14.99 -2.52
CA GLN A 73 -7.97 -15.07 -1.06
C GLN A 73 -6.75 -14.32 -0.48
N TYR A 74 -6.86 -13.94 0.81
CA TYR A 74 -5.77 -13.34 1.58
C TYR A 74 -4.53 -14.24 1.50
N SER A 75 -3.34 -13.65 1.63
CA SER A 75 -2.08 -14.39 1.56
C SER A 75 -1.02 -13.73 2.47
N PRO A 76 0.17 -14.34 2.73
CA PRO A 76 1.12 -13.72 3.67
C PRO A 76 1.57 -12.30 3.33
N SER A 77 1.76 -11.49 4.37
CA SER A 77 2.19 -10.09 4.29
C SER A 77 3.46 -9.83 3.48
N ALA A 78 4.45 -10.74 3.60
CA ALA A 78 5.74 -10.61 2.93
C ALA A 78 5.69 -11.10 1.45
N GLY A 79 4.60 -11.75 1.08
CA GLY A 79 4.43 -12.27 -0.27
C GLY A 79 4.19 -13.77 -0.31
N ILE A 80 3.76 -14.30 -1.47
CA ILE A 80 3.50 -15.74 -1.61
C ILE A 80 4.84 -16.50 -1.52
N PRO A 81 4.90 -17.69 -0.86
CA PRO A 81 6.19 -18.37 -0.70
C PRO A 81 6.94 -18.73 -1.99
N GLU A 82 6.23 -19.11 -3.07
CA GLU A 82 6.88 -19.47 -4.33
C GLU A 82 7.52 -18.30 -5.06
N LEU A 83 6.94 -17.09 -4.94
CA LEU A 83 7.52 -15.89 -5.52
C LEU A 83 8.74 -15.49 -4.68
N LEU A 84 8.61 -15.50 -3.33
CA LEU A 84 9.71 -15.18 -2.43
C LEU A 84 10.92 -16.07 -2.65
N SER A 85 10.73 -17.39 -2.76
CA SER A 85 11.84 -18.32 -2.97
C SER A 85 12.48 -18.15 -4.36
N TRP A 86 11.68 -17.88 -5.41
CA TRP A 86 12.24 -17.64 -6.75
C TRP A 86 13.06 -16.34 -6.74
N LEU A 87 12.54 -15.27 -6.11
CA LEU A 87 13.22 -13.98 -6.03
C LEU A 87 14.48 -14.07 -5.17
N LYS A 88 14.45 -14.88 -4.11
CA LYS A 88 15.60 -15.07 -3.20
C LYS A 88 16.75 -15.68 -4.00
N GLN A 89 16.45 -16.73 -4.77
CA GLN A 89 17.45 -17.39 -5.61
C GLN A 89 17.94 -16.45 -6.72
N LEU A 90 17.05 -15.60 -7.27
CA LEU A 90 17.46 -14.58 -8.26
C LEU A 90 18.49 -13.60 -7.67
N GLN A 91 18.22 -13.09 -6.44
CA GLN A 91 19.10 -12.18 -5.73
C GLN A 91 20.44 -12.83 -5.44
N ILE A 92 20.45 -14.12 -5.06
CA ILE A 92 21.69 -14.85 -4.82
C ILE A 92 22.48 -14.97 -6.13
N LYS A 93 21.79 -15.34 -7.22
CA LYS A 93 22.43 -15.50 -8.52
C LYS A 93 22.99 -14.18 -9.09
N LEU A 94 22.24 -13.11 -8.94
CA LEU A 94 22.61 -11.79 -9.46
C LEU A 94 23.59 -11.02 -8.58
N HIS A 95 23.37 -11.04 -7.26
CA HIS A 95 24.15 -10.25 -6.32
C HIS A 95 24.98 -11.01 -5.32
N ASN A 96 24.73 -12.32 -5.11
CA ASN A 96 25.42 -13.13 -4.10
C ASN A 96 25.68 -12.30 -2.82
N PRO A 97 24.64 -11.78 -2.13
CA PRO A 97 24.89 -10.89 -0.98
C PRO A 97 25.69 -11.53 0.15
N PRO A 98 26.69 -10.82 0.69
CA PRO A 98 27.50 -11.40 1.78
C PRO A 98 26.71 -11.83 3.03
N THR A 99 25.50 -11.26 3.22
CA THR A 99 24.61 -11.46 4.38
C THR A 99 23.69 -12.68 4.33
N ILE A 100 23.70 -13.47 3.23
CA ILE A 100 22.82 -14.64 3.07
C ILE A 100 22.70 -15.51 4.35
N HIS A 101 23.83 -15.85 4.96
CA HIS A 101 23.89 -16.76 6.14
C HIS A 101 24.19 -16.11 7.48
N TYR A 102 24.14 -14.78 7.55
CA TYR A 102 24.37 -14.09 8.82
C TYR A 102 23.23 -14.41 9.78
N PRO A 103 23.45 -14.35 11.12
CA PRO A 103 22.32 -14.54 12.04
C PRO A 103 21.23 -13.46 11.80
N PRO A 104 19.92 -13.76 12.03
CA PRO A 104 18.88 -12.73 11.83
C PRO A 104 19.19 -11.38 12.46
N SER A 105 19.68 -11.35 13.71
CA SER A 105 20.04 -10.11 14.41
C SER A 105 21.21 -9.35 13.78
N GLN A 106 22.09 -10.04 13.00
CA GLN A 106 23.23 -9.42 12.34
C GLN A 106 22.94 -8.96 10.90
N GLY A 107 21.67 -8.93 10.54
CA GLY A 107 21.31 -8.47 9.21
C GLY A 107 21.23 -9.50 8.12
N GLN A 108 20.81 -10.72 8.47
CA GLN A 108 20.60 -11.81 7.51
C GLN A 108 19.76 -11.30 6.33
N MET A 109 20.14 -11.66 5.09
CA MET A 109 19.41 -11.23 3.91
C MET A 109 17.96 -11.66 4.02
N ASP A 110 17.07 -10.71 3.81
CA ASP A 110 15.63 -10.95 3.88
C ASP A 110 14.92 -10.22 2.73
N LEU A 111 13.80 -10.78 2.28
CA LEU A 111 13.02 -10.22 1.17
C LEU A 111 11.56 -10.07 1.55
N CYS A 112 10.89 -9.12 0.90
CA CYS A 112 9.46 -8.98 0.92
C CYS A 112 8.95 -8.36 -0.34
N VAL A 113 7.85 -8.92 -0.82
CA VAL A 113 7.17 -8.45 -1.99
C VAL A 113 6.39 -7.21 -1.53
N THR A 114 6.42 -6.15 -2.34
CA THR A 114 5.73 -4.90 -2.02
C THR A 114 4.79 -4.52 -3.17
N SER A 115 3.85 -3.60 -2.93
CA SER A 115 2.91 -3.17 -3.96
C SER A 115 3.59 -2.07 -4.78
N GLY A 116 4.51 -2.52 -5.63
CA GLY A 116 5.43 -1.69 -6.40
C GLY A 116 6.64 -1.37 -5.54
N SER A 117 7.78 -0.98 -6.15
CA SER A 117 8.94 -0.64 -5.33
C SER A 117 8.71 0.64 -4.52
N GLN A 118 7.81 1.55 -4.99
CA GLN A 118 7.48 2.80 -4.29
C GLN A 118 6.97 2.53 -2.86
N GLN A 119 6.21 1.44 -2.66
CA GLN A 119 5.68 1.11 -1.34
C GLN A 119 6.81 0.72 -0.37
N GLY A 120 7.77 -0.07 -0.87
CA GLY A 120 8.95 -0.48 -0.12
C GLY A 120 9.73 0.73 0.34
N LEU A 121 10.01 1.67 -0.58
CA LEU A 121 10.75 2.90 -0.29
C LEU A 121 10.07 3.75 0.74
N CYS A 122 8.76 3.94 0.58
CA CYS A 122 7.97 4.74 1.49
C CYS A 122 8.01 4.18 2.91
N LYS A 123 7.81 2.84 3.07
CA LYS A 123 7.88 2.19 4.39
C LYS A 123 9.29 2.32 5.00
N VAL A 124 10.31 2.25 4.16
CA VAL A 124 11.71 2.38 4.59
C VAL A 124 11.98 3.78 5.13
N PHE A 125 11.55 4.83 4.39
CA PHE A 125 11.69 6.22 4.83
C PHE A 125 10.96 6.48 6.13
N GLU A 126 9.70 5.99 6.21
CA GLU A 126 8.86 6.15 7.40
C GLU A 126 9.43 5.40 8.60
N MET A 127 10.06 4.24 8.36
CA MET A 127 10.68 3.44 9.43
C MET A 127 11.87 4.17 10.07
N ILE A 128 12.65 4.92 9.25
CA ILE A 128 13.90 5.55 9.66
C ILE A 128 13.81 7.00 10.16
N ILE A 129 13.04 7.85 9.46
CA ILE A 129 13.03 9.30 9.64
C ILE A 129 12.27 9.92 10.77
N ASN A 130 13.02 10.58 11.68
CA ASN A 130 12.49 11.44 12.73
C ASN A 130 12.66 12.89 12.23
N PRO A 131 11.75 13.83 12.55
CA PRO A 131 11.97 15.23 12.12
C PRO A 131 13.33 15.75 12.60
N GLY A 132 14.07 16.38 11.69
CA GLY A 132 15.41 16.90 12.00
C GLY A 132 16.55 15.96 11.62
N ASP A 133 16.26 14.70 11.23
CA ASP A 133 17.32 13.77 10.83
C ASP A 133 17.98 14.26 9.56
N ASN A 134 19.25 13.91 9.37
CA ASN A 134 20.01 14.26 8.18
C ASN A 134 20.00 13.08 7.23
N VAL A 135 19.75 13.37 5.95
CA VAL A 135 19.75 12.34 4.90
C VAL A 135 20.56 12.82 3.73
N LEU A 136 21.23 11.91 3.04
CA LEU A 136 22.05 12.24 1.89
C LEU A 136 21.42 11.74 0.59
N LEU A 137 21.53 12.55 -0.45
CA LEU A 137 21.16 12.17 -1.82
C LEU A 137 21.79 13.09 -2.84
N ASP A 138 21.78 12.69 -4.10
CA ASP A 138 22.28 13.52 -5.19
C ASP A 138 21.11 14.11 -5.96
N GLU A 139 21.04 15.44 -6.05
CA GLU A 139 20.00 16.13 -6.84
C GLU A 139 20.57 16.42 -8.23
N PRO A 140 19.80 16.39 -9.33
CA PRO A 140 18.37 16.07 -9.43
C PRO A 140 18.06 14.62 -9.05
N ALA A 141 16.96 14.45 -8.30
CA ALA A 141 16.53 13.14 -7.79
C ALA A 141 15.10 12.85 -8.19
N TYR A 142 14.71 11.58 -8.16
CA TYR A 142 13.35 11.13 -8.46
C TYR A 142 12.33 11.94 -7.61
N SER A 143 11.40 12.62 -8.30
CA SER A 143 10.35 13.46 -7.72
C SER A 143 9.50 12.75 -6.66
N GLY A 144 9.21 11.46 -6.88
CA GLY A 144 8.47 10.60 -5.95
C GLY A 144 9.18 10.46 -4.62
N THR A 145 10.52 10.38 -4.64
CA THR A 145 11.31 10.29 -3.41
C THR A 145 11.27 11.62 -2.67
N LEU A 146 11.47 12.73 -3.40
CA LEU A 146 11.45 14.07 -2.81
C LEU A 146 10.07 14.37 -2.19
N GLN A 147 9.00 13.99 -2.89
CA GLN A 147 7.63 14.16 -2.42
C GLN A 147 7.33 13.30 -1.18
N SER A 148 8.02 12.15 -1.04
CA SER A 148 7.92 11.24 0.09
C SER A 148 8.68 11.76 1.33
N LEU A 149 9.87 12.35 1.11
CA LEU A 149 10.75 12.88 2.17
C LEU A 149 10.32 14.23 2.70
N HIS A 150 9.75 15.09 1.81
CA HIS A 150 9.26 16.42 2.15
C HIS A 150 8.36 16.46 3.43
N PRO A 151 7.30 15.61 3.58
CA PRO A 151 6.49 15.67 4.82
C PRO A 151 7.19 15.15 6.07
N LEU A 152 8.27 14.36 5.91
CA LEU A 152 8.97 13.74 7.03
C LEU A 152 9.84 14.66 7.91
N GLY A 153 10.04 15.89 7.47
CA GLY A 153 10.79 16.88 8.24
C GLY A 153 12.29 16.66 8.36
N CYS A 154 12.87 15.92 7.45
CA CYS A 154 14.31 15.67 7.47
C CYS A 154 15.08 16.78 6.73
N ASN A 155 16.38 16.94 7.05
CA ASN A 155 17.25 17.85 6.31
C ASN A 155 17.89 17.02 5.21
N ILE A 156 17.63 17.39 3.95
CA ILE A 156 18.20 16.69 2.82
C ILE A 156 19.52 17.34 2.45
N ILE A 157 20.63 16.60 2.53
CA ILE A 157 21.94 17.12 2.17
C ILE A 157 22.31 16.67 0.77
N ASN A 158 22.49 17.62 -0.15
CA ASN A 158 22.83 17.32 -1.52
C ASN A 158 24.30 16.92 -1.68
N VAL A 159 24.54 15.76 -2.33
CA VAL A 159 25.87 15.27 -2.64
C VAL A 159 26.11 15.59 -4.12
N ALA A 160 27.30 16.17 -4.47
CA ALA A 160 27.61 16.49 -5.86
C ALA A 160 27.68 15.23 -6.71
N SER A 161 27.31 15.37 -7.98
CA SER A 161 27.28 14.27 -8.91
C SER A 161 27.69 14.76 -10.31
N ASP A 162 28.05 13.82 -11.19
CA ASP A 162 28.45 14.08 -12.57
C ASP A 162 27.91 12.96 -13.48
N GLU A 163 28.50 12.74 -14.68
CA GLU A 163 28.04 11.70 -15.62
C GLU A 163 28.17 10.29 -15.05
N SER A 164 29.03 10.11 -14.04
CA SER A 164 29.21 8.81 -13.42
C SER A 164 28.51 8.75 -12.04
N GLY A 165 27.49 9.57 -11.85
CA GLY A 165 26.69 9.63 -10.62
C GLY A 165 27.40 10.37 -9.50
N ILE A 166 27.09 10.00 -8.23
CA ILE A 166 27.68 10.59 -7.02
C ILE A 166 29.22 10.63 -7.13
N VAL A 167 29.81 11.80 -6.80
CA VAL A 167 31.25 12.03 -6.77
C VAL A 167 31.68 11.67 -5.34
N PRO A 168 32.40 10.53 -5.13
CA PRO A 168 32.81 10.15 -3.76
C PRO A 168 33.57 11.21 -2.96
N ASP A 169 34.36 12.08 -3.64
CA ASP A 169 35.09 13.18 -3.00
C ASP A 169 34.14 14.19 -2.36
N SER A 170 32.98 14.46 -2.99
CA SER A 170 31.96 15.36 -2.46
C SER A 170 31.34 14.74 -1.20
N LEU A 171 31.00 13.43 -1.25
CA LEU A 171 30.47 12.68 -0.11
C LEU A 171 31.48 12.69 1.06
N ARG A 172 32.77 12.49 0.76
CA ARG A 172 33.87 12.54 1.72
C ARG A 172 33.93 13.92 2.39
N ASP A 173 33.86 15.00 1.60
CA ASP A 173 33.88 16.37 2.10
C ASP A 173 32.67 16.68 2.99
N ILE A 174 31.46 16.21 2.60
CA ILE A 174 30.25 16.43 3.40
C ILE A 174 30.36 15.76 4.78
N LEU A 175 30.80 14.49 4.78
CA LEU A 175 30.92 13.70 6.00
C LEU A 175 31.96 14.18 6.99
N SER A 176 33.02 14.88 6.49
CA SER A 176 34.10 15.43 7.31
C SER A 176 33.63 16.42 8.40
N ARG A 177 32.35 16.87 8.32
CA ARG A 177 31.83 17.75 9.38
C ARG A 177 31.60 16.96 10.68
N TRP A 178 31.50 15.62 10.57
CA TRP A 178 31.33 14.70 11.68
C TRP A 178 32.59 13.88 11.85
N LYS A 179 32.71 13.21 13.00
CA LYS A 179 33.78 12.26 13.26
C LYS A 179 33.12 10.89 13.20
N PRO A 180 33.82 9.83 12.74
CA PRO A 180 33.17 8.50 12.68
C PRO A 180 32.44 8.06 13.96
N GLU A 181 33.00 8.33 15.13
CA GLU A 181 32.40 8.00 16.43
C GLU A 181 31.11 8.72 16.80
N ASP A 182 30.76 9.78 16.03
CA ASP A 182 29.49 10.49 16.23
C ASP A 182 28.27 9.63 15.94
N ALA A 183 28.40 8.56 15.10
CA ALA A 183 27.28 7.64 14.76
C ALA A 183 26.77 6.88 16.00
N LYS A 184 27.63 6.72 17.00
CA LYS A 184 27.31 6.03 18.26
C LYS A 184 26.84 7.02 19.32
N ASN A 185 26.92 8.31 19.02
CA ASN A 185 26.58 9.39 19.93
C ASN A 185 25.12 9.82 19.81
N PRO A 186 24.30 9.59 20.87
CA PRO A 186 22.88 10.02 20.83
C PRO A 186 22.66 11.51 20.61
N GLN A 187 23.58 12.39 21.09
CA GLN A 187 23.43 13.82 20.85
C GLN A 187 23.95 14.34 19.51
N LYS A 188 24.39 13.44 18.62
CA LYS A 188 24.87 13.84 17.29
C LYS A 188 23.85 13.43 16.25
N ASN A 189 23.77 14.17 15.15
CA ASN A 189 22.84 13.87 14.07
C ASN A 189 23.54 13.44 12.79
N THR A 190 24.34 12.38 12.85
CA THR A 190 25.02 11.85 11.66
C THR A 190 23.97 11.35 10.67
N PRO A 191 24.22 11.40 9.35
CA PRO A 191 23.20 10.94 8.40
C PRO A 191 22.69 9.53 8.69
N LYS A 192 21.37 9.36 8.62
CA LYS A 192 20.72 8.05 8.80
C LYS A 192 21.03 7.16 7.58
N PHE A 193 20.97 7.75 6.38
CA PHE A 193 21.22 7.02 5.13
C PHE A 193 21.61 7.92 3.97
N LEU A 194 22.16 7.27 2.92
CA LEU A 194 22.41 7.80 1.60
C LEU A 194 21.41 7.10 0.67
N TYR A 195 20.64 7.87 -0.08
CA TYR A 195 19.72 7.36 -1.06
C TYR A 195 20.28 7.61 -2.46
N THR A 196 20.25 6.61 -3.33
CA THR A 196 20.65 6.78 -4.72
C THR A 196 19.97 5.81 -5.65
N VAL A 197 19.90 6.19 -6.91
CA VAL A 197 19.37 5.40 -8.02
C VAL A 197 20.63 5.11 -8.84
N PRO A 198 21.29 3.96 -8.62
CA PRO A 198 22.62 3.74 -9.21
C PRO A 198 22.70 3.51 -10.71
N ASN A 199 21.60 3.07 -11.31
CA ASN A 199 21.52 2.82 -12.74
C ASN A 199 20.44 3.69 -13.32
N GLY A 200 20.81 4.49 -14.31
CA GLY A 200 19.88 5.35 -15.05
C GLY A 200 19.03 6.21 -14.14
N ASN A 201 19.71 7.01 -13.31
CA ASN A 201 19.05 7.92 -12.36
C ASN A 201 17.90 8.66 -13.03
N ASN A 202 16.78 8.75 -12.32
CA ASN A 202 15.60 9.47 -12.76
C ASN A 202 15.80 10.86 -12.12
N PRO A 203 16.09 11.92 -12.88
CA PRO A 203 15.90 12.10 -14.33
C PRO A 203 17.13 12.14 -15.26
N THR A 204 18.35 12.07 -14.72
CA THR A 204 19.59 12.26 -15.50
C THR A 204 20.00 11.19 -16.49
N GLY A 205 19.68 9.93 -16.20
CA GLY A 205 20.08 8.78 -17.02
C GLY A 205 21.47 8.27 -16.71
N ASN A 206 22.17 8.92 -15.77
CA ASN A 206 23.54 8.59 -15.36
C ASN A 206 23.58 7.42 -14.41
N SER A 207 24.66 6.64 -14.54
CA SER A 207 24.90 5.46 -13.72
C SER A 207 26.23 5.53 -12.99
N LEU A 208 26.24 4.97 -11.77
CA LEU A 208 27.44 4.85 -10.98
C LEU A 208 28.33 3.75 -11.55
N THR A 209 29.64 3.92 -11.39
CA THR A 209 30.61 2.88 -11.77
C THR A 209 30.83 1.97 -10.55
N SER A 210 31.40 0.76 -10.74
CA SER A 210 31.75 -0.19 -9.66
C SER A 210 32.72 0.47 -8.69
N GLU A 211 33.75 1.12 -9.23
CA GLU A 211 34.79 1.82 -8.50
C GLU A 211 34.19 2.86 -7.52
N ARG A 212 33.25 3.68 -8.02
CA ARG A 212 32.60 4.69 -7.21
C ARG A 212 31.74 4.08 -6.12
N LYS A 213 31.05 2.96 -6.43
CA LYS A 213 30.23 2.22 -5.47
C LYS A 213 31.09 1.70 -4.31
N LYS A 214 32.27 1.14 -4.60
CA LYS A 214 33.21 0.64 -3.58
C LYS A 214 33.66 1.80 -2.63
N GLU A 215 33.94 2.99 -3.20
CA GLU A 215 34.37 4.17 -2.41
C GLU A 215 33.22 4.68 -1.53
N ILE A 216 32.02 4.75 -2.10
CA ILE A 216 30.80 5.15 -1.38
C ILE A 216 30.51 4.18 -0.24
N TYR A 217 30.59 2.86 -0.54
CA TYR A 217 30.38 1.84 0.49
C TYR A 217 31.36 2.02 1.64
N GLU A 218 32.66 2.27 1.35
CA GLU A 218 33.69 2.50 2.40
C GLU A 218 33.37 3.72 3.27
N LEU A 219 32.79 4.79 2.67
CA LEU A 219 32.36 5.97 3.44
C LEU A 219 31.13 5.65 4.31
N ALA A 220 30.21 4.81 3.79
CA ALA A 220 29.01 4.37 4.51
C ALA A 220 29.41 3.54 5.74
N ARG A 221 30.48 2.73 5.61
CA ARG A 221 31.01 1.96 6.72
C ARG A 221 31.67 2.90 7.73
N LYS A 222 32.58 3.79 7.26
CA LYS A 222 33.30 4.72 8.13
C LYS A 222 32.37 5.55 9.01
N TYR A 223 31.31 6.12 8.45
CA TYR A 223 30.39 6.99 9.20
C TYR A 223 29.10 6.30 9.63
N ASP A 224 29.05 4.98 9.42
CA ASP A 224 27.95 4.10 9.80
C ASP A 224 26.55 4.56 9.41
N PHE A 225 26.31 4.72 8.12
CA PHE A 225 24.97 5.07 7.62
C PHE A 225 24.47 3.97 6.69
N LEU A 226 23.17 3.90 6.49
CA LEU A 226 22.61 2.92 5.58
C LEU A 226 22.69 3.41 4.14
N ILE A 227 22.62 2.48 3.17
CA ILE A 227 22.56 2.80 1.75
C ILE A 227 21.21 2.32 1.27
N ILE A 228 20.38 3.24 0.77
CA ILE A 228 19.10 2.86 0.19
C ILE A 228 19.33 2.82 -1.31
N GLU A 229 19.43 1.61 -1.84
CA GLU A 229 19.68 1.37 -3.26
C GLU A 229 18.35 1.19 -3.98
N ASP A 230 17.83 2.28 -4.54
CA ASP A 230 16.57 2.27 -5.30
C ASP A 230 16.98 1.99 -6.75
N ASP A 231 16.81 0.74 -7.21
CA ASP A 231 17.31 0.33 -8.52
C ASP A 231 16.23 -0.16 -9.51
N PRO A 232 15.23 0.70 -9.92
CA PRO A 232 14.21 0.22 -10.87
C PRO A 232 14.70 0.05 -12.30
N TYR A 233 15.91 0.56 -12.64
CA TYR A 233 16.47 0.45 -13.99
C TYR A 233 17.65 -0.50 -14.03
N TYR A 234 17.77 -1.35 -12.97
CA TYR A 234 18.82 -2.35 -12.90
C TYR A 234 18.75 -3.27 -14.12
N PHE A 235 17.52 -3.68 -14.51
CA PHE A 235 17.29 -4.55 -15.66
C PHE A 235 17.12 -3.76 -16.97
N LEU A 236 17.60 -2.50 -16.99
CA LEU A 236 17.52 -1.63 -18.16
C LEU A 236 18.86 -0.92 -18.45
N GLN A 237 19.98 -1.60 -18.23
CA GLN A 237 21.32 -1.06 -18.44
C GLN A 237 21.69 -1.24 -19.88
N PHE A 238 22.26 -0.20 -20.54
CA PHE A 238 22.60 -0.30 -21.95
C PHE A 238 23.85 -1.12 -22.29
N ASN A 239 24.79 -1.18 -21.36
CA ASN A 239 25.98 -1.97 -21.59
C ASN A 239 25.72 -3.47 -21.36
N SER A 240 26.54 -4.37 -21.95
CA SER A 240 26.37 -5.81 -21.71
C SER A 240 26.75 -6.08 -20.26
N GLY A 241 26.16 -7.11 -19.67
CA GLY A 241 26.41 -7.41 -18.27
C GLY A 241 25.79 -6.36 -17.37
N ARG A 242 26.14 -6.40 -16.09
CA ARG A 242 25.56 -5.51 -15.11
C ARG A 242 26.61 -5.10 -14.14
N VAL A 243 26.63 -3.80 -13.79
CA VAL A 243 27.57 -3.24 -12.84
C VAL A 243 27.25 -3.87 -11.47
N PRO A 244 28.25 -4.38 -10.69
CA PRO A 244 27.96 -4.91 -9.33
C PRO A 244 27.16 -3.90 -8.50
N THR A 245 26.20 -4.38 -7.73
CA THR A 245 25.34 -3.50 -6.92
C THR A 245 25.94 -3.25 -5.55
N PHE A 246 25.33 -2.30 -4.80
CA PHE A 246 25.71 -2.04 -3.42
C PHE A 246 25.41 -3.28 -2.57
N LEU A 247 24.27 -3.97 -2.86
CA LEU A 247 23.87 -5.19 -2.15
C LEU A 247 24.93 -6.30 -2.31
N SER A 248 25.55 -6.41 -3.51
CA SER A 248 26.60 -7.41 -3.75
C SER A 248 27.87 -7.18 -2.90
N MET A 249 28.12 -5.93 -2.50
CA MET A 249 29.31 -5.62 -1.68
C MET A 249 28.96 -5.37 -0.20
N ASP A 250 27.71 -5.67 0.16
CA ASP A 250 27.19 -5.44 1.51
C ASP A 250 27.66 -6.39 2.62
N VAL A 251 28.95 -6.31 2.98
CA VAL A 251 29.54 -7.09 4.06
C VAL A 251 28.94 -6.71 5.46
N ASP A 252 28.55 -5.43 5.64
CA ASP A 252 28.02 -4.98 6.95
C ASP A 252 26.54 -5.20 7.21
N GLY A 253 25.76 -5.45 6.16
CA GLY A 253 24.32 -5.53 6.33
C GLY A 253 23.73 -4.13 6.46
N ARG A 254 24.27 -3.16 5.70
CA ARG A 254 23.80 -1.76 5.74
C ARG A 254 23.05 -1.33 4.48
N VAL A 255 22.79 -2.25 3.55
CA VAL A 255 22.08 -1.92 2.32
C VAL A 255 20.61 -2.39 2.32
N ILE A 256 19.68 -1.49 1.96
CA ILE A 256 18.27 -1.81 1.72
C ILE A 256 18.10 -1.57 0.22
N ARG A 257 17.76 -2.62 -0.53
CA ARG A 257 17.63 -2.56 -1.97
C ARG A 257 16.18 -2.66 -2.41
N ALA A 258 15.74 -1.75 -3.30
CA ALA A 258 14.39 -1.82 -3.87
C ALA A 258 14.54 -2.22 -5.34
N ASP A 259 13.81 -3.27 -5.74
CA ASP A 259 13.77 -3.73 -7.12
C ASP A 259 12.35 -3.56 -7.62
N SER A 260 12.20 -3.29 -8.90
CA SER A 260 10.90 -3.09 -9.50
C SER A 260 10.72 -3.94 -10.76
N PHE A 261 9.48 -4.41 -10.98
CA PHE A 261 9.09 -5.13 -12.19
C PHE A 261 8.34 -4.19 -13.13
N SER A 262 8.19 -2.91 -12.74
CA SER A 262 7.41 -1.90 -13.48
C SER A 262 7.85 -1.61 -14.89
N LYS A 263 9.15 -1.60 -15.15
CA LYS A 263 9.71 -1.29 -16.47
C LYS A 263 9.94 -2.52 -17.36
N ILE A 264 9.88 -3.74 -16.78
CA ILE A 264 10.12 -5.00 -17.49
C ILE A 264 8.95 -5.98 -17.56
N ILE A 265 8.11 -6.04 -16.53
CA ILE A 265 6.99 -7.00 -16.52
C ILE A 265 5.64 -6.31 -16.55
N SER A 266 5.41 -5.35 -15.64
CA SER A 266 4.18 -4.57 -15.58
C SER A 266 4.26 -3.56 -14.46
N SER A 267 3.91 -2.32 -14.80
CA SER A 267 3.84 -1.22 -13.84
C SER A 267 2.48 -1.22 -13.12
N GLY A 268 1.42 -1.60 -13.86
CA GLY A 268 0.05 -1.63 -13.36
C GLY A 268 -0.30 -2.73 -12.39
N LEU A 269 0.46 -3.83 -12.39
CA LEU A 269 0.24 -4.94 -11.47
C LEU A 269 0.70 -4.61 -10.03
N ARG A 270 1.54 -3.56 -9.87
CA ARG A 270 2.03 -3.12 -8.56
C ARG A 270 2.75 -4.25 -7.81
N ILE A 271 3.83 -4.77 -8.40
CA ILE A 271 4.65 -5.81 -7.78
C ILE A 271 6.12 -5.40 -7.88
N GLY A 272 6.73 -5.23 -6.73
CA GLY A 272 8.15 -4.95 -6.59
C GLY A 272 8.62 -5.74 -5.39
N PHE A 273 9.89 -5.56 -4.99
CA PHE A 273 10.42 -6.26 -3.84
C PHE A 273 11.57 -5.52 -3.21
N LEU A 274 11.70 -5.69 -1.92
CA LEU A 274 12.72 -5.10 -1.07
C LEU A 274 13.62 -6.24 -0.61
N THR A 275 14.94 -6.02 -0.63
CA THR A 275 15.95 -6.96 -0.13
C THR A 275 16.80 -6.17 0.87
N GLY A 276 17.01 -6.74 2.05
CA GLY A 276 17.77 -6.04 3.08
C GLY A 276 17.96 -6.85 4.35
N PRO A 277 18.56 -6.21 5.37
CA PRO A 277 18.77 -6.91 6.65
C PRO A 277 17.46 -7.26 7.36
N LYS A 278 17.35 -8.49 7.80
CA LYS A 278 16.17 -9.02 8.48
C LYS A 278 15.55 -8.09 9.54
N PRO A 279 16.27 -7.48 10.51
CA PRO A 279 15.59 -6.58 11.47
C PRO A 279 14.90 -5.36 10.83
N LEU A 280 15.41 -4.88 9.69
CA LEU A 280 14.79 -3.73 9.00
C LEU A 280 13.63 -4.15 8.13
N ILE A 281 13.78 -5.26 7.38
CA ILE A 281 12.74 -5.84 6.52
C ILE A 281 11.53 -6.24 7.37
N GLU A 282 11.77 -6.78 8.58
CA GLU A 282 10.73 -7.14 9.54
C GLU A 282 9.90 -5.90 9.96
N ARG A 283 10.54 -4.75 10.17
CA ARG A 283 9.84 -3.50 10.53
C ARG A 283 8.93 -3.04 9.37
N VAL A 284 9.42 -3.17 8.14
CA VAL A 284 8.66 -2.87 6.92
C VAL A 284 7.43 -3.81 6.80
N ILE A 285 7.64 -5.14 6.98
CA ILE A 285 6.56 -6.14 6.89
C ILE A 285 5.46 -5.84 7.91
N LEU A 286 5.82 -5.48 9.16
CA LEU A 286 4.85 -5.13 10.21
C LEU A 286 4.02 -3.92 9.84
N HIS A 287 4.63 -2.94 9.14
CA HIS A 287 3.89 -1.76 8.68
C HIS A 287 2.94 -2.17 7.53
N ILE A 288 3.41 -3.00 6.58
CA ILE A 288 2.56 -3.49 5.48
C ILE A 288 1.32 -4.23 6.03
N GLN A 289 1.51 -5.01 7.10
CA GLN A 289 0.49 -5.79 7.80
C GLN A 289 -0.70 -4.93 8.25
N VAL A 290 -0.44 -3.68 8.64
CA VAL A 290 -1.52 -2.80 9.08
C VAL A 290 -1.95 -1.83 7.98
N SER A 291 -1.38 -1.96 6.78
CA SER A 291 -1.78 -1.07 5.69
C SER A 291 -2.37 -1.84 4.52
N THR A 292 -1.59 -2.31 3.56
CA THR A 292 -2.16 -3.07 2.44
C THR A 292 -2.49 -4.53 2.81
N LEU A 293 -1.95 -5.03 3.94
CA LEU A 293 -2.02 -6.41 4.46
C LEU A 293 -1.07 -7.27 3.67
N HIS A 294 -1.19 -7.28 2.33
CA HIS A 294 -0.33 -8.04 1.43
C HIS A 294 -0.49 -7.53 -0.03
N PRO A 295 0.44 -7.83 -0.97
CA PRO A 295 0.20 -7.43 -2.37
C PRO A 295 -0.83 -8.39 -2.96
N SER A 296 -1.57 -7.96 -3.98
CA SER A 296 -2.56 -8.78 -4.68
C SER A 296 -2.06 -10.21 -4.86
N THR A 297 -2.81 -11.21 -4.34
CA THR A 297 -2.41 -12.63 -4.47
C THR A 297 -2.48 -13.04 -5.95
N PHE A 298 -3.52 -12.55 -6.66
CA PHE A 298 -3.76 -12.83 -8.09
C PHE A 298 -2.54 -12.40 -8.92
N ASN A 299 -2.09 -11.15 -8.72
CA ASN A 299 -0.97 -10.58 -9.45
C ASN A 299 0.34 -11.27 -9.16
N GLN A 300 0.56 -11.66 -7.88
CA GLN A 300 1.77 -12.40 -7.51
C GLN A 300 1.80 -13.77 -8.18
N LEU A 301 0.66 -14.46 -8.23
CA LEU A 301 0.53 -15.80 -8.82
C LEU A 301 0.77 -15.75 -10.34
N MET A 302 0.30 -14.68 -11.03
CA MET A 302 0.50 -14.47 -12.48
C MET A 302 2.01 -14.35 -12.76
N ILE A 303 2.70 -13.48 -12.00
CA ILE A 303 4.13 -13.23 -12.15
C ILE A 303 4.91 -14.47 -11.74
N SER A 304 4.56 -15.09 -10.59
CA SER A 304 5.24 -16.30 -10.14
C SER A 304 5.16 -17.43 -11.19
N GLN A 305 3.98 -17.64 -11.78
CA GLN A 305 3.80 -18.69 -12.80
C GLN A 305 4.64 -18.40 -14.04
N LEU A 306 4.67 -17.13 -14.47
CA LEU A 306 5.48 -16.70 -15.58
C LEU A 306 6.99 -16.96 -15.30
N LEU A 307 7.48 -16.52 -14.12
CA LEU A 307 8.88 -16.65 -13.76
C LEU A 307 9.32 -18.11 -13.63
N HIS A 308 8.48 -18.96 -13.02
CA HIS A 308 8.80 -20.38 -12.89
C HIS A 308 8.86 -21.09 -14.24
N GLU A 309 7.97 -20.71 -15.19
CA GLU A 309 7.95 -21.31 -16.54
C GLU A 309 9.16 -20.85 -17.35
N TRP A 310 9.52 -19.56 -17.24
CA TRP A 310 10.65 -18.98 -17.94
C TRP A 310 11.96 -19.50 -17.39
N GLY A 311 12.04 -19.59 -16.05
CA GLY A 311 13.28 -19.91 -15.34
C GLY A 311 14.10 -18.65 -15.34
N GLU A 312 15.29 -18.68 -14.72
CA GLU A 312 16.15 -17.49 -14.71
C GLU A 312 16.71 -17.13 -16.13
N GLU A 313 16.88 -18.13 -16.99
CA GLU A 313 17.32 -17.92 -18.35
C GLU A 313 16.26 -17.21 -19.22
N GLY A 314 15.00 -17.67 -19.14
CA GLY A 314 13.89 -17.08 -19.87
C GLY A 314 13.63 -15.67 -19.39
N PHE A 315 13.81 -15.43 -18.07
CA PHE A 315 13.64 -14.11 -17.48
C PHE A 315 14.69 -13.15 -18.04
N MET A 316 15.97 -13.56 -17.99
CA MET A 316 17.09 -12.75 -18.49
C MET A 316 17.03 -12.52 -20.00
N ALA A 317 16.50 -13.50 -20.78
CA ALA A 317 16.31 -13.37 -22.23
C ALA A 317 15.24 -12.31 -22.53
N HIS A 318 14.16 -12.26 -21.71
CA HIS A 318 13.12 -11.24 -21.81
C HIS A 318 13.71 -9.84 -21.52
N VAL A 319 14.52 -9.71 -20.45
CA VAL A 319 15.14 -8.40 -20.13
C VAL A 319 16.06 -7.91 -21.25
N ASP A 320 16.81 -8.84 -21.85
CA ASP A 320 17.68 -8.62 -22.99
C ASP A 320 16.90 -8.01 -24.21
N ARG A 321 15.68 -8.57 -24.54
CA ARG A 321 14.81 -8.04 -25.62
C ARG A 321 14.27 -6.64 -25.24
N VAL A 322 13.96 -6.42 -23.95
CA VAL A 322 13.46 -5.12 -23.48
C VAL A 322 14.57 -4.06 -23.61
N ILE A 323 15.79 -4.40 -23.17
CA ILE A 323 16.99 -3.54 -23.27
C ILE A 323 17.24 -3.18 -24.74
N ASP A 324 17.18 -4.19 -25.64
CA ASP A 324 17.36 -3.96 -27.07
C ASP A 324 16.40 -2.92 -27.60
N PHE A 325 15.11 -3.01 -27.21
CA PHE A 325 14.08 -2.04 -27.63
C PHE A 325 14.38 -0.61 -27.12
N TYR A 326 14.67 -0.46 -25.81
CA TYR A 326 14.99 0.84 -25.21
C TYR A 326 16.30 1.43 -25.74
N SER A 327 17.29 0.55 -26.06
CA SER A 327 18.57 0.97 -26.66
C SER A 327 18.31 1.66 -28.03
N ASN A 328 17.38 1.10 -28.83
CA ASN A 328 16.97 1.66 -30.14
C ASN A 328 16.22 2.99 -29.95
N GLN A 329 15.34 3.06 -28.94
CA GLN A 329 14.59 4.27 -28.59
C GLN A 329 15.58 5.38 -28.17
N LYS A 330 16.62 5.00 -27.40
CA LYS A 330 17.68 5.90 -26.93
C LYS A 330 18.43 6.48 -28.14
N ASP A 331 18.77 5.63 -29.13
CA ASP A 331 19.47 6.08 -30.34
C ASP A 331 18.63 7.08 -31.14
N ALA A 332 17.31 6.80 -31.27
CA ALA A 332 16.35 7.65 -31.97
C ALA A 332 16.19 9.02 -31.29
N ILE A 333 16.16 9.07 -29.93
CA ILE A 333 16.04 10.37 -29.24
C ILE A 333 17.34 11.18 -29.34
N LEU A 334 18.49 10.48 -29.31
CA LEU A 334 19.80 11.10 -29.44
C LEU A 334 19.97 11.70 -30.82
N ALA A 335 19.49 10.98 -31.87
CA ALA A 335 19.54 11.45 -33.26
C ALA A 335 18.67 12.73 -33.44
N ALA A 336 17.49 12.80 -32.77
CA ALA A 336 16.59 13.96 -32.81
C ALA A 336 17.24 15.16 -32.10
N ALA A 337 17.88 14.92 -30.96
CA ALA A 337 18.58 15.97 -30.20
C ALA A 337 19.78 16.48 -31.02
N ASP A 338 20.51 15.59 -31.71
CA ASP A 338 21.65 15.98 -32.54
C ASP A 338 21.21 16.89 -33.69
N LYS A 339 20.09 16.52 -34.34
CA LYS A 339 19.53 17.27 -35.46
C LYS A 339 19.08 18.67 -35.08
N TRP A 340 18.30 18.79 -34.00
CA TRP A 340 17.68 20.05 -33.59
C TRP A 340 18.31 20.87 -32.51
N LEU A 341 18.93 20.23 -31.52
CA LEU A 341 19.42 20.93 -30.34
C LEU A 341 20.91 21.24 -30.30
N THR A 342 21.66 20.92 -31.36
CA THR A 342 23.09 21.22 -31.38
C THR A 342 23.28 22.73 -31.36
N GLY A 343 24.01 23.21 -30.36
CA GLY A 343 24.27 24.64 -30.15
C GLY A 343 23.25 25.31 -29.25
N LEU A 344 22.04 24.71 -29.14
CA LEU A 344 20.92 25.22 -28.33
C LEU A 344 20.78 24.56 -26.95
N ALA A 345 21.17 23.28 -26.86
CA ALA A 345 21.03 22.52 -25.63
C ALA A 345 22.21 21.61 -25.37
N GLU A 346 22.31 21.11 -24.14
CA GLU A 346 23.36 20.18 -23.71
C GLU A 346 22.70 18.96 -23.10
N TRP A 347 23.25 17.76 -23.38
CA TRP A 347 22.74 16.49 -22.89
C TRP A 347 23.86 15.44 -22.89
N HIS A 348 23.76 14.46 -21.98
CA HIS A 348 24.68 13.32 -21.90
C HIS A 348 23.95 12.09 -22.42
N VAL A 349 24.69 11.09 -22.92
CA VAL A 349 24.10 9.83 -23.39
C VAL A 349 23.68 9.05 -22.13
N PRO A 350 22.38 8.70 -21.93
CA PRO A 350 22.00 7.92 -20.74
C PRO A 350 22.58 6.51 -20.77
N ALA A 351 23.04 6.02 -19.62
CA ALA A 351 23.67 4.71 -19.44
C ALA A 351 22.64 3.58 -19.24
N ALA A 352 21.44 3.96 -18.81
CA ALA A 352 20.35 3.05 -18.50
C ALA A 352 19.04 3.82 -18.44
N GLY A 353 17.93 3.09 -18.40
CA GLY A 353 16.62 3.68 -18.19
C GLY A 353 15.91 4.21 -19.41
N MET A 354 15.05 5.20 -19.19
CA MET A 354 14.19 5.72 -20.25
C MET A 354 14.13 7.23 -20.38
N PHE A 355 15.08 7.96 -19.78
CA PHE A 355 15.03 9.42 -19.87
C PHE A 355 16.25 10.08 -20.44
N LEU A 356 16.04 11.19 -21.14
CA LEU A 356 17.08 12.09 -21.64
C LEU A 356 16.90 13.40 -20.85
N TRP A 357 17.97 13.84 -20.20
CA TRP A 357 17.99 15.05 -19.36
C TRP A 357 18.66 16.13 -20.17
N ILE A 358 17.88 17.13 -20.56
CA ILE A 358 18.33 18.19 -21.45
C ILE A 358 18.48 19.54 -20.74
N LYS A 359 19.65 20.19 -20.89
CA LYS A 359 19.89 21.53 -20.34
C LYS A 359 19.78 22.54 -21.49
N VAL A 360 18.83 23.48 -21.41
CA VAL A 360 18.66 24.52 -22.42
C VAL A 360 19.68 25.64 -22.13
N LYS A 361 20.49 26.00 -23.14
CA LYS A 361 21.58 26.98 -23.03
C LYS A 361 21.35 28.41 -22.47
N GLY A 362 20.84 29.36 -23.23
CA GLY A 362 20.73 30.72 -22.73
C GLY A 362 19.46 31.10 -22.01
N ILE A 363 18.83 30.16 -21.30
CA ILE A 363 17.57 30.37 -20.57
C ILE A 363 17.76 29.92 -19.11
N ASN A 364 17.29 30.75 -18.15
CA ASN A 364 17.36 30.43 -16.71
C ASN A 364 16.26 29.49 -16.24
N ASP A 365 15.03 29.67 -16.77
CA ASP A 365 13.87 28.85 -16.39
C ASP A 365 13.07 28.41 -17.60
N VAL A 366 12.94 27.09 -17.76
CA VAL A 366 12.26 26.48 -18.89
C VAL A 366 10.75 26.25 -18.66
N LYS A 367 10.27 26.43 -17.42
CA LYS A 367 8.88 26.21 -17.02
C LYS A 367 7.81 26.85 -17.92
N GLU A 368 7.83 28.18 -18.12
CA GLU A 368 6.85 28.85 -19.00
C GLU A 368 6.97 28.48 -20.49
N LEU A 369 8.21 28.25 -20.98
CA LEU A 369 8.50 27.84 -22.36
C LEU A 369 7.86 26.47 -22.64
N ILE A 370 7.90 25.58 -21.65
CA ILE A 370 7.36 24.23 -21.73
C ILE A 370 5.87 24.20 -21.33
N GLU A 371 5.55 24.43 -20.02
CA GLU A 371 4.19 24.38 -19.45
C GLU A 371 3.13 25.26 -20.15
N GLU A 372 3.54 26.22 -20.98
CA GLU A 372 2.60 27.12 -21.67
C GLU A 372 2.80 27.17 -23.20
N LYS A 373 3.95 27.70 -23.66
CA LYS A 373 4.28 27.88 -25.09
C LYS A 373 4.37 26.59 -25.90
N ALA A 374 5.03 25.55 -25.34
CA ALA A 374 5.19 24.25 -26.00
C ALA A 374 3.87 23.51 -26.12
N VAL A 375 3.02 23.55 -25.06
CA VAL A 375 1.70 22.91 -25.01
C VAL A 375 0.82 23.44 -26.14
N LYS A 376 0.80 24.76 -26.34
CA LYS A 376 0.06 25.46 -27.41
C LYS A 376 0.52 25.01 -28.81
N MET A 377 1.82 24.63 -28.96
CA MET A 377 2.39 24.13 -30.22
C MET A 377 2.19 22.62 -30.39
N GLY A 378 1.62 21.98 -29.37
CA GLY A 378 1.33 20.54 -29.35
C GLY A 378 2.44 19.61 -28.87
N VAL A 379 3.33 20.10 -27.98
CA VAL A 379 4.46 19.32 -27.45
C VAL A 379 4.54 19.47 -25.93
N LEU A 380 4.70 18.34 -25.21
CA LEU A 380 4.84 18.31 -23.74
C LEU A 380 6.13 17.62 -23.34
N MET A 381 6.89 18.23 -22.41
CA MET A 381 8.10 17.66 -21.79
C MET A 381 8.04 18.02 -20.30
N LEU A 382 8.83 17.36 -19.42
CA LEU A 382 8.77 17.70 -17.98
C LEU A 382 9.81 18.77 -17.61
N PRO A 383 9.41 19.93 -17.01
CA PRO A 383 10.43 20.90 -16.55
C PRO A 383 11.21 20.29 -15.38
N GLY A 384 12.48 20.64 -15.29
CA GLY A 384 13.42 20.11 -14.32
C GLY A 384 13.18 20.39 -12.85
N ASN A 385 12.38 21.43 -12.55
CA ASN A 385 12.03 21.95 -11.22
C ASN A 385 11.60 20.86 -10.25
N ALA A 386 10.82 19.89 -10.75
CA ALA A 386 10.25 18.77 -9.99
C ALA A 386 11.30 17.79 -9.44
N PHE A 387 12.57 17.91 -9.88
CA PHE A 387 13.61 16.97 -9.46
C PHE A 387 14.57 17.56 -8.43
N TYR A 388 14.23 18.72 -7.86
CA TYR A 388 15.05 19.38 -6.84
C TYR A 388 14.22 19.59 -5.58
N VAL A 389 14.89 19.60 -4.42
CA VAL A 389 14.28 19.86 -3.10
C VAL A 389 13.63 21.23 -3.15
N ASP A 390 14.36 22.22 -3.65
CA ASP A 390 13.80 23.55 -3.87
C ASP A 390 13.24 23.57 -5.31
N SER A 391 11.97 23.14 -5.45
CA SER A 391 11.25 23.10 -6.74
C SER A 391 10.86 24.49 -7.23
N SER A 392 10.89 25.52 -6.36
CA SER A 392 10.54 26.88 -6.75
C SER A 392 11.70 27.58 -7.45
N ALA A 393 12.95 27.10 -7.24
CA ALA A 393 14.14 27.66 -7.90
C ALA A 393 14.04 27.47 -9.43
N PRO A 394 14.57 28.44 -10.23
CA PRO A 394 14.51 28.27 -11.69
C PRO A 394 15.37 27.11 -12.19
N SER A 395 14.90 26.42 -13.23
CA SER A 395 15.64 25.30 -13.81
C SER A 395 15.72 25.40 -15.33
N PRO A 396 16.94 25.35 -15.92
CA PRO A 396 17.04 25.36 -17.40
C PRO A 396 16.86 23.94 -17.99
N TYR A 397 16.58 22.93 -17.13
CA TYR A 397 16.49 21.54 -17.55
C TYR A 397 15.09 21.05 -17.84
N LEU A 398 15.03 19.99 -18.65
CA LEU A 398 13.84 19.26 -18.93
C LEU A 398 14.14 17.77 -19.10
N ARG A 399 13.20 16.93 -18.70
CA ARG A 399 13.26 15.49 -18.82
C ARG A 399 12.37 15.07 -19.99
N ALA A 400 12.93 14.29 -20.93
CA ALA A 400 12.22 13.77 -22.10
C ALA A 400 12.30 12.25 -22.05
N SER A 401 11.14 11.57 -22.04
CA SER A 401 11.11 10.11 -22.02
C SER A 401 11.22 9.58 -23.43
N PHE A 402 12.03 8.53 -23.62
CA PHE A 402 12.14 7.90 -24.93
C PHE A 402 11.47 6.51 -24.95
N SER A 403 10.71 6.18 -23.90
CA SER A 403 10.07 4.87 -23.79
C SER A 403 8.99 4.58 -24.83
N SER A 404 8.18 5.61 -25.23
CA SER A 404 7.00 5.40 -26.10
C SER A 404 6.96 6.09 -27.46
N ALA A 405 7.44 7.34 -27.57
CA ALA A 405 7.37 8.07 -28.84
C ALA A 405 8.14 7.43 -29.99
N SER A 406 7.60 7.58 -31.20
CA SER A 406 8.20 7.06 -32.41
C SER A 406 9.34 8.01 -32.83
N PRO A 407 10.30 7.57 -33.70
CA PRO A 407 11.35 8.50 -34.15
C PRO A 407 10.79 9.75 -34.83
N GLU A 408 9.67 9.60 -35.57
CA GLU A 408 8.99 10.70 -36.23
C GLU A 408 8.35 11.66 -35.21
N GLN A 409 7.80 11.13 -34.12
CA GLN A 409 7.21 11.95 -33.05
C GLN A 409 8.29 12.73 -32.30
N MET A 410 9.48 12.11 -32.09
CA MET A 410 10.62 12.73 -31.41
C MET A 410 11.12 13.90 -32.25
N ASP A 411 11.21 13.69 -33.57
CA ASP A 411 11.65 14.70 -34.53
C ASP A 411 10.74 15.93 -34.48
N VAL A 412 9.41 15.72 -34.46
CA VAL A 412 8.41 16.78 -34.36
C VAL A 412 8.61 17.59 -33.06
N ALA A 413 8.69 16.88 -31.90
CA ALA A 413 8.89 17.45 -30.57
C ALA A 413 10.18 18.28 -30.42
N PHE A 414 11.29 17.78 -30.97
CA PHE A 414 12.59 18.44 -30.87
C PHE A 414 12.75 19.63 -31.81
N GLN A 415 12.07 19.61 -32.97
CA GLN A 415 12.09 20.71 -33.95
C GLN A 415 11.36 21.91 -33.31
N VAL A 416 10.19 21.67 -32.65
CA VAL A 416 9.38 22.64 -31.91
C VAL A 416 10.23 23.29 -30.81
N LEU A 417 10.87 22.46 -29.94
CA LEU A 417 11.73 22.91 -28.83
C LEU A 417 12.80 23.86 -29.37
N ALA A 418 13.48 23.47 -30.46
CA ALA A 418 14.54 24.24 -31.08
C ALA A 418 14.07 25.62 -31.54
N GLN A 419 12.83 25.72 -32.05
CA GLN A 419 12.30 27.02 -32.49
C GLN A 419 11.89 27.90 -31.30
N LEU A 420 11.43 27.26 -30.21
CA LEU A 420 11.06 27.95 -28.97
C LEU A 420 12.29 28.46 -28.22
N ILE A 421 13.46 27.80 -28.39
CA ILE A 421 14.72 28.24 -27.78
C ILE A 421 15.16 29.51 -28.52
N LYS A 422 15.11 29.48 -29.86
CA LYS A 422 15.43 30.61 -30.75
C LYS A 422 14.43 31.79 -30.58
N GLU A 423 13.23 31.48 -30.04
CA GLU A 423 12.15 32.44 -29.74
C GLU A 423 12.41 33.16 -28.42
N SER A 424 12.75 32.39 -27.36
CA SER A 424 13.04 32.91 -26.03
C SER A 424 14.42 33.58 -25.92
N LEU A 425 15.25 33.50 -27.00
CA LEU A 425 16.57 34.12 -27.04
C LEU A 425 16.48 35.52 -27.63
N LEU A 426 15.62 35.70 -28.66
CA LEU A 426 15.40 36.99 -29.33
C LEU A 426 14.26 37.83 -28.71
N VAL A 427 14.26 37.94 -27.35
CA VAL A 427 13.28 38.72 -26.59
C VAL A 427 13.96 39.83 -25.74
N PRO A 428 13.67 41.14 -26.02
CA PRO A 428 14.30 42.22 -25.26
C PRO A 428 13.51 42.62 -24.03
N MET B 1 -16.87 23.28 9.48
CA MET B 1 -15.82 22.28 9.74
C MET B 1 -14.40 22.70 9.42
N ASN B 2 -13.53 22.62 10.43
CA ASN B 2 -12.13 23.00 10.30
C ASN B 2 -11.33 21.71 10.18
N TYR B 3 -11.05 21.28 8.94
CA TYR B 3 -10.34 20.02 8.75
C TYR B 3 -8.87 20.02 9.18
N ALA B 4 -8.16 21.17 9.07
CA ALA B 4 -6.74 21.30 9.45
C ALA B 4 -6.47 20.94 10.91
N ARG B 5 -7.42 21.22 11.80
CA ARG B 5 -7.24 20.90 13.22
C ARG B 5 -7.21 19.40 13.53
N PHE B 6 -7.76 18.57 12.64
CA PHE B 6 -7.78 17.11 12.81
C PHE B 6 -6.53 16.44 12.32
N ILE B 7 -5.87 17.02 11.31
CA ILE B 7 -4.72 16.42 10.62
C ILE B 7 -3.36 16.81 11.16
N THR B 8 -2.35 16.05 10.78
CA THR B 8 -0.98 16.31 11.24
C THR B 8 -0.30 17.31 10.31
N ALA B 9 0.83 17.88 10.76
CA ALA B 9 1.64 18.82 9.98
C ALA B 9 2.19 18.08 8.76
N ALA B 10 2.67 16.83 8.94
CA ALA B 10 3.16 15.98 7.84
C ALA B 10 2.09 15.79 6.76
N SER B 11 0.84 15.48 7.14
CA SER B 11 -0.25 15.28 6.19
C SER B 11 -0.57 16.56 5.41
N ALA B 12 -0.64 17.68 6.12
CA ALA B 12 -0.90 19.00 5.53
C ALA B 12 0.24 19.41 4.56
N ALA B 13 1.48 18.94 4.81
CA ALA B 13 2.66 19.25 3.98
C ALA B 13 2.70 18.50 2.65
N ARG B 14 1.91 17.42 2.51
CA ARG B 14 1.90 16.62 1.27
C ARG B 14 1.47 17.43 0.07
N ASN B 15 2.20 17.24 -1.03
CA ASN B 15 1.97 17.90 -2.31
C ASN B 15 1.66 16.89 -3.38
N PRO B 16 0.90 17.27 -4.42
CA PRO B 16 0.65 16.33 -5.52
C PRO B 16 1.88 16.08 -6.38
N SER B 17 1.89 14.94 -7.06
CA SER B 17 2.95 14.58 -8.01
C SER B 17 2.82 15.48 -9.26
N PRO B 18 3.91 15.79 -10.01
CA PRO B 18 3.75 16.65 -11.22
C PRO B 18 2.89 16.09 -12.35
N ILE B 19 2.68 14.75 -12.41
CA ILE B 19 1.87 14.07 -13.45
C ILE B 19 0.40 14.52 -13.50
N ARG B 20 -0.12 15.02 -12.36
CA ARG B 20 -1.48 15.54 -12.23
C ARG B 20 -1.59 16.90 -12.93
N THR B 21 -0.54 17.75 -12.76
CA THR B 21 -0.43 19.10 -13.33
C THR B 21 -0.34 19.04 -14.87
N MET B 22 0.43 18.06 -15.40
CA MET B 22 0.62 17.84 -16.83
C MET B 22 -0.69 17.39 -17.50
N THR B 23 -1.51 16.61 -16.77
CA THR B 23 -2.82 16.13 -17.23
C THR B 23 -3.83 17.28 -17.27
N ASP B 24 -3.69 18.26 -16.34
CA ASP B 24 -4.55 19.45 -16.26
C ASP B 24 -4.36 20.36 -17.48
N ILE B 25 -3.13 20.41 -18.03
CA ILE B 25 -2.78 21.19 -19.22
C ILE B 25 -2.87 20.36 -20.52
N LEU B 26 -3.06 19.02 -20.41
CA LEU B 26 -3.22 18.11 -21.55
C LEU B 26 -4.53 18.44 -22.29
N SER B 27 -5.65 18.51 -21.54
CA SER B 27 -6.98 18.84 -22.06
C SER B 27 -7.06 20.33 -22.45
N ARG B 28 -6.13 21.17 -21.93
CA ARG B 28 -6.05 22.61 -22.19
C ARG B 28 -5.26 22.99 -23.46
N GLY B 29 -4.69 21.98 -24.14
CA GLY B 29 -3.95 22.13 -25.39
C GLY B 29 -4.60 21.40 -26.54
N PRO B 30 -3.90 21.17 -27.69
CA PRO B 30 -4.51 20.45 -28.82
C PRO B 30 -4.78 18.96 -28.57
N LYS B 31 -5.35 18.26 -29.58
CA LYS B 31 -5.71 16.84 -29.48
C LYS B 31 -4.60 15.86 -29.84
N SER B 32 -3.90 16.06 -30.97
CA SER B 32 -2.81 15.18 -31.42
C SER B 32 -1.45 15.60 -30.85
N MET B 33 -1.36 15.67 -29.51
CA MET B 33 -0.16 16.08 -28.78
C MET B 33 0.91 15.01 -28.63
N ILE B 34 2.18 15.44 -28.71
CA ILE B 34 3.33 14.57 -28.52
C ILE B 34 3.89 14.89 -27.13
N SER B 35 3.73 13.95 -26.19
CA SER B 35 4.22 14.14 -24.83
C SER B 35 5.37 13.23 -24.42
N LEU B 36 6.54 13.86 -24.18
CA LEU B 36 7.75 13.19 -23.71
C LEU B 36 7.92 13.47 -22.20
N ALA B 37 6.90 14.16 -21.60
CA ALA B 37 6.81 14.57 -20.21
C ALA B 37 6.59 13.45 -19.19
N GLY B 38 5.86 12.41 -19.58
CA GLY B 38 5.54 11.31 -18.68
C GLY B 38 6.66 10.34 -18.35
N GLY B 39 6.40 9.45 -17.38
CA GLY B 39 7.33 8.41 -16.94
C GLY B 39 6.78 7.00 -17.08
N LEU B 40 5.77 6.80 -17.96
CA LEU B 40 5.12 5.51 -18.24
C LEU B 40 6.07 4.63 -19.05
N PRO B 41 6.32 3.35 -18.64
CA PRO B 41 7.11 2.46 -19.50
C PRO B 41 6.30 2.09 -20.75
N ASN B 42 7.00 1.61 -21.81
CA ASN B 42 6.36 1.16 -23.03
C ASN B 42 5.54 -0.10 -22.70
N PRO B 43 4.20 -0.07 -22.96
CA PRO B 43 3.36 -1.25 -22.61
C PRO B 43 3.58 -2.50 -23.47
N ASN B 44 4.03 -2.33 -24.73
CA ASN B 44 4.31 -3.44 -25.67
C ASN B 44 5.45 -4.39 -25.24
N MET B 45 6.19 -4.03 -24.19
CA MET B 45 7.29 -4.83 -23.66
C MET B 45 6.76 -5.86 -22.65
N PHE B 46 5.54 -5.65 -22.12
CA PHE B 46 4.92 -6.50 -21.10
C PHE B 46 4.54 -7.89 -21.65
N PRO B 47 4.90 -8.97 -20.93
CA PRO B 47 4.70 -10.32 -21.48
C PRO B 47 3.27 -10.87 -21.52
N PHE B 48 2.34 -10.32 -20.74
CA PHE B 48 0.93 -10.77 -20.76
C PHE B 48 0.20 -10.04 -21.87
N LYS B 49 -0.52 -10.78 -22.74
CA LYS B 49 -1.16 -10.19 -23.93
C LYS B 49 -2.66 -10.00 -23.95
N THR B 50 -3.40 -11.02 -23.51
CA THR B 50 -4.86 -11.03 -23.45
C THR B 50 -5.24 -11.87 -22.25
N ALA B 51 -6.49 -11.75 -21.79
CA ALA B 51 -6.98 -12.51 -20.65
C ALA B 51 -8.45 -12.83 -20.80
N VAL B 52 -8.83 -14.01 -20.38
CA VAL B 52 -10.22 -14.40 -20.28
C VAL B 52 -10.46 -14.94 -18.88
N ILE B 53 -11.40 -14.33 -18.16
CA ILE B 53 -11.75 -14.71 -16.80
C ILE B 53 -13.24 -15.13 -16.79
N THR B 54 -13.52 -16.37 -16.35
CA THR B 54 -14.90 -16.87 -16.30
C THR B 54 -15.56 -16.39 -15.01
N VAL B 55 -16.82 -16.00 -15.12
CA VAL B 55 -17.61 -15.51 -13.99
C VAL B 55 -18.78 -16.47 -13.71
N GLU B 56 -19.26 -16.49 -12.45
CA GLU B 56 -20.41 -17.27 -11.96
C GLU B 56 -21.73 -16.78 -12.63
N ASN B 57 -22.37 -17.56 -13.50
CA ASN B 57 -21.92 -18.77 -14.15
C ASN B 57 -22.47 -18.74 -15.57
N GLY B 58 -21.60 -19.07 -16.53
CA GLY B 58 -21.91 -18.98 -17.94
C GLY B 58 -21.44 -17.67 -18.55
N LYS B 59 -21.01 -16.73 -17.66
CA LYS B 59 -20.52 -15.40 -18.00
C LYS B 59 -18.97 -15.34 -18.14
N THR B 60 -18.45 -14.31 -18.85
CA THR B 60 -17.01 -14.16 -19.12
C THR B 60 -16.55 -12.69 -19.19
N ILE B 61 -15.38 -12.40 -18.62
CA ILE B 61 -14.73 -11.08 -18.67
C ILE B 61 -13.54 -11.28 -19.58
N GLN B 62 -13.42 -10.44 -20.60
CA GLN B 62 -12.33 -10.53 -21.56
C GLN B 62 -11.52 -9.26 -21.65
N PHE B 63 -10.19 -9.43 -21.66
CA PHE B 63 -9.26 -8.33 -21.83
C PHE B 63 -8.57 -8.58 -23.16
N GLY B 64 -8.92 -7.78 -24.17
CA GLY B 64 -8.29 -7.83 -25.48
C GLY B 64 -6.93 -7.17 -25.40
N GLU B 65 -6.24 -7.08 -26.53
CA GLU B 65 -4.90 -6.49 -26.64
C GLU B 65 -4.75 -5.11 -26.00
N GLU B 66 -5.65 -4.18 -26.34
CA GLU B 66 -5.59 -2.81 -25.83
C GLU B 66 -5.98 -2.70 -24.36
N MET B 67 -7.03 -3.41 -23.96
CA MET B 67 -7.50 -3.44 -22.58
C MET B 67 -6.41 -4.05 -21.66
N MET B 68 -5.69 -5.10 -22.14
CA MET B 68 -4.60 -5.73 -21.40
C MET B 68 -3.43 -4.73 -21.21
N LYS B 69 -3.08 -3.94 -22.25
CA LYS B 69 -2.03 -2.92 -22.14
C LYS B 69 -2.39 -1.87 -21.11
N ARG B 70 -3.69 -1.52 -20.99
CA ARG B 70 -4.18 -0.57 -19.98
C ARG B 70 -4.04 -1.19 -18.58
N ALA B 71 -4.53 -2.44 -18.41
CA ALA B 71 -4.49 -3.22 -17.16
C ALA B 71 -3.07 -3.37 -16.59
N LEU B 72 -2.05 -3.44 -17.45
CA LEU B 72 -0.65 -3.64 -17.06
C LEU B 72 0.13 -2.34 -16.89
N GLN B 73 -0.53 -1.19 -17.13
CA GLN B 73 0.07 0.12 -17.07
C GLN B 73 -0.39 0.89 -15.80
N TYR B 74 0.38 1.90 -15.40
CA TYR B 74 0.08 2.81 -14.29
C TYR B 74 -1.29 3.45 -14.56
N SER B 75 -1.98 3.84 -13.50
CA SER B 75 -3.32 4.45 -13.57
C SER B 75 -3.53 5.46 -12.43
N PRO B 76 -4.60 6.30 -12.42
CA PRO B 76 -4.71 7.32 -11.35
C PRO B 76 -4.69 6.80 -9.92
N SER B 77 -4.05 7.58 -9.03
CA SER B 77 -3.90 7.30 -7.60
C SER B 77 -5.20 7.00 -6.86
N ALA B 78 -6.28 7.71 -7.20
CA ALA B 78 -7.59 7.58 -6.55
C ALA B 78 -8.39 6.38 -7.07
N GLY B 79 -7.94 5.79 -8.17
CA GLY B 79 -8.61 4.66 -8.80
C GLY B 79 -9.01 4.96 -10.23
N ILE B 80 -9.38 3.92 -10.98
CA ILE B 80 -9.77 4.09 -12.38
C ILE B 80 -11.10 4.87 -12.44
N PRO B 81 -11.30 5.80 -13.42
CA PRO B 81 -12.54 6.61 -13.41
C PRO B 81 -13.85 5.85 -13.48
N GLU B 82 -13.92 4.73 -14.21
CA GLU B 82 -15.16 3.95 -14.32
C GLU B 82 -15.55 3.22 -13.03
N LEU B 83 -14.55 2.81 -12.22
CA LEU B 83 -14.83 2.18 -10.93
C LEU B 83 -15.29 3.26 -9.95
N LEU B 84 -14.59 4.41 -9.94
CA LEU B 84 -14.94 5.54 -9.07
C LEU B 84 -16.35 6.04 -9.30
N SER B 85 -16.76 6.22 -10.57
CA SER B 85 -18.10 6.70 -10.88
C SER B 85 -19.16 5.66 -10.52
N TRP B 86 -18.89 4.35 -10.73
CA TRP B 86 -19.86 3.31 -10.37
C TRP B 86 -20.02 3.28 -8.84
N LEU B 87 -18.90 3.37 -8.09
CA LEU B 87 -18.92 3.35 -6.63
C LEU B 87 -19.62 4.58 -6.05
N LYS B 88 -19.42 5.74 -6.69
CA LYS B 88 -20.05 7.01 -6.28
C LYS B 88 -21.59 6.86 -6.36
N GLN B 89 -22.10 6.36 -7.50
CA GLN B 89 -23.53 6.10 -7.68
C GLN B 89 -24.08 5.10 -6.68
N LEU B 90 -23.31 4.04 -6.32
CA LEU B 90 -23.72 3.04 -5.33
C LEU B 90 -23.89 3.70 -3.96
N GLN B 91 -22.92 4.53 -3.56
CA GLN B 91 -22.98 5.27 -2.30
C GLN B 91 -24.16 6.20 -2.21
N ILE B 92 -24.50 6.87 -3.33
CA ILE B 92 -25.65 7.76 -3.38
C ILE B 92 -26.93 6.92 -3.22
N LYS B 93 -27.03 5.80 -3.95
CA LYS B 93 -28.21 4.91 -3.87
C LYS B 93 -28.38 4.28 -2.50
N LEU B 94 -27.30 3.83 -1.87
CA LEU B 94 -27.34 3.17 -0.57
C LEU B 94 -27.47 4.13 0.62
N HIS B 95 -26.70 5.23 0.60
CA HIS B 95 -26.60 6.14 1.74
C HIS B 95 -27.10 7.55 1.51
N ASN B 96 -27.31 7.97 0.23
CA ASN B 96 -27.72 9.34 -0.11
C ASN B 96 -27.05 10.38 0.85
N PRO B 97 -25.69 10.46 0.88
CA PRO B 97 -25.04 11.34 1.87
C PRO B 97 -25.43 12.81 1.77
N PRO B 98 -25.70 13.49 2.91
CA PRO B 98 -26.09 14.92 2.84
C PRO B 98 -25.06 15.84 2.18
N THR B 99 -23.79 15.41 2.12
CA THR B 99 -22.64 16.17 1.60
C THR B 99 -22.40 16.08 0.08
N ILE B 100 -23.22 15.30 -0.67
CA ILE B 100 -23.04 15.13 -2.13
C ILE B 100 -22.74 16.44 -2.87
N HIS B 101 -23.54 17.50 -2.61
CA HIS B 101 -23.43 18.79 -3.31
C HIS B 101 -22.81 19.94 -2.52
N TYR B 102 -22.18 19.64 -1.37
CA TYR B 102 -21.51 20.68 -0.58
C TYR B 102 -20.31 21.19 -1.37
N PRO B 103 -19.85 22.46 -1.15
CA PRO B 103 -18.60 22.88 -1.81
C PRO B 103 -17.42 21.99 -1.36
N PRO B 104 -16.38 21.77 -2.21
CA PRO B 104 -15.24 20.95 -1.79
C PRO B 104 -14.66 21.27 -0.42
N SER B 105 -14.50 22.57 -0.10
CA SER B 105 -13.96 23.02 1.19
C SER B 105 -14.88 22.71 2.36
N GLN B 106 -16.20 22.53 2.11
CA GLN B 106 -17.17 22.21 3.17
C GLN B 106 -17.38 20.69 3.38
N GLY B 107 -16.50 19.88 2.81
CA GLY B 107 -16.60 18.44 2.99
C GLY B 107 -17.46 17.70 1.99
N GLN B 108 -17.47 18.17 0.72
CA GLN B 108 -18.16 17.51 -0.39
C GLN B 108 -17.80 16.03 -0.39
N MET B 109 -18.81 15.15 -0.57
CA MET B 109 -18.58 13.72 -0.62
C MET B 109 -17.55 13.40 -1.70
N ASP B 110 -16.52 12.62 -1.30
CA ASP B 110 -15.45 12.22 -2.21
C ASP B 110 -15.09 10.74 -1.95
N LEU B 111 -14.57 10.06 -2.97
CA LEU B 111 -14.24 8.64 -2.87
C LEU B 111 -12.88 8.36 -3.40
N CYS B 112 -12.26 7.30 -2.89
CA CYS B 112 -11.03 6.79 -3.46
C CYS B 112 -10.86 5.32 -3.24
N VAL B 113 -10.36 4.63 -4.28
CA VAL B 113 -10.16 3.19 -4.25
C VAL B 113 -8.87 2.98 -3.48
N THR B 114 -8.86 2.00 -2.57
CA THR B 114 -7.69 1.70 -1.75
C THR B 114 -7.32 0.22 -1.93
N SER B 115 -6.09 -0.16 -1.54
CA SER B 115 -5.63 -1.54 -1.64
C SER B 115 -6.15 -2.30 -0.42
N GLY B 116 -7.44 -2.59 -0.44
CA GLY B 116 -8.20 -3.15 0.66
C GLY B 116 -8.68 -2.01 1.54
N SER B 117 -9.71 -2.24 2.37
CA SER B 117 -10.16 -1.17 3.27
C SER B 117 -9.11 -0.88 4.37
N GLN B 118 -8.25 -1.87 4.72
CA GLN B 118 -7.19 -1.70 5.71
C GLN B 118 -6.25 -0.55 5.32
N GLN B 119 -5.96 -0.36 4.02
CA GLN B 119 -5.07 0.72 3.58
C GLN B 119 -5.70 2.09 3.83
N GLY B 120 -6.99 2.21 3.55
CA GLY B 120 -7.76 3.42 3.77
C GLY B 120 -7.73 3.82 5.24
N LEU B 121 -8.00 2.84 6.13
CA LEU B 121 -8.00 3.07 7.58
C LEU B 121 -6.64 3.50 8.08
N CYS B 122 -5.58 2.81 7.63
CA CYS B 122 -4.21 3.11 8.04
C CYS B 122 -3.82 4.53 7.66
N LYS B 123 -4.12 4.95 6.39
CA LYS B 123 -3.82 6.31 5.92
C LYS B 123 -4.61 7.34 6.71
N VAL B 124 -5.85 7.02 7.08
CA VAL B 124 -6.73 7.89 7.87
C VAL B 124 -6.15 8.10 9.26
N PHE B 125 -5.73 7.01 9.94
CA PHE B 125 -5.14 7.09 11.28
C PHE B 125 -3.84 7.88 11.25
N GLU B 126 -2.98 7.61 10.23
CA GLU B 126 -1.70 8.31 10.06
C GLU B 126 -1.91 9.80 9.73
N MET B 127 -2.97 10.12 8.97
CA MET B 127 -3.30 11.50 8.61
C MET B 127 -3.68 12.33 9.86
N ILE B 128 -4.37 11.70 10.84
CA ILE B 128 -4.94 12.36 12.00
C ILE B 128 -4.10 12.40 13.27
N ILE B 129 -3.47 11.26 13.61
CA ILE B 129 -2.84 11.06 14.92
C ILE B 129 -1.48 11.61 15.21
N ASN B 130 -1.44 12.51 16.21
CA ASN B 130 -0.22 13.03 16.80
C ASN B 130 -0.03 12.28 18.14
N PRO B 131 1.20 11.99 18.59
CA PRO B 131 1.36 11.32 19.90
C PRO B 131 0.65 12.11 21.01
N GLY B 132 -0.11 11.42 21.85
CA GLY B 132 -0.86 12.07 22.92
C GLY B 132 -2.30 12.39 22.58
N ASP B 133 -2.72 12.28 21.30
CA ASP B 133 -4.12 12.54 20.95
C ASP B 133 -5.04 11.53 21.61
N ASN B 134 -6.27 11.93 21.89
CA ASN B 134 -7.27 11.05 22.47
C ASN B 134 -8.16 10.51 21.38
N VAL B 135 -8.41 9.20 21.41
CA VAL B 135 -9.27 8.53 20.44
C VAL B 135 -10.25 7.65 21.17
N LEU B 136 -11.46 7.53 20.63
CA LEU B 136 -12.52 6.71 21.23
C LEU B 136 -12.80 5.47 20.41
N LEU B 137 -13.02 4.35 21.10
CA LEU B 137 -13.47 3.09 20.49
C LEU B 137 -14.04 2.14 21.54
N ASP B 138 -14.75 1.13 21.09
CA ASP B 138 -15.30 0.11 21.98
C ASP B 138 -14.46 -1.18 21.89
N GLU B 139 -13.94 -1.65 23.02
CA GLU B 139 -13.17 -2.91 23.08
C GLU B 139 -14.14 -4.03 23.50
N PRO B 140 -14.01 -5.31 23.04
CA PRO B 140 -13.04 -5.83 22.08
C PRO B 140 -13.17 -5.19 20.70
N ALA B 141 -12.02 -4.87 20.08
CA ALA B 141 -11.97 -4.22 18.77
C ALA B 141 -11.10 -5.01 17.80
N TYR B 142 -11.28 -4.77 16.49
CA TYR B 142 -10.49 -5.40 15.44
C TYR B 142 -8.99 -5.21 15.73
N SER B 143 -8.26 -6.35 15.81
CA SER B 143 -6.83 -6.43 16.11
C SER B 143 -5.98 -5.59 15.18
N GLY B 144 -6.33 -5.54 13.89
CA GLY B 144 -5.65 -4.74 12.88
C GLY B 144 -5.70 -3.26 13.19
N THR B 145 -6.87 -2.76 13.68
CA THR B 145 -7.02 -1.38 14.12
C THR B 145 -6.15 -1.08 15.36
N LEU B 146 -6.16 -1.98 16.35
CA LEU B 146 -5.36 -1.80 17.58
C LEU B 146 -3.85 -1.83 17.28
N GLN B 147 -3.43 -2.71 16.38
CA GLN B 147 -2.03 -2.90 15.99
C GLN B 147 -1.54 -1.68 15.20
N SER B 148 -2.47 -1.00 14.52
CA SER B 148 -2.23 0.20 13.72
C SER B 148 -2.11 1.44 14.63
N LEU B 149 -3.00 1.56 15.62
CA LEU B 149 -3.03 2.68 16.56
C LEU B 149 -1.93 2.64 17.58
N HIS B 150 -1.55 1.44 18.07
CA HIS B 150 -0.50 1.24 19.06
C HIS B 150 0.81 2.03 18.75
N PRO B 151 1.44 1.94 17.54
CA PRO B 151 2.68 2.72 17.28
C PRO B 151 2.47 4.24 17.19
N LEU B 152 1.22 4.70 16.97
CA LEU B 152 0.93 6.13 16.82
C LEU B 152 0.95 6.97 18.10
N GLY B 153 1.07 6.33 19.26
CA GLY B 153 1.18 7.03 20.55
C GLY B 153 -0.06 7.72 21.05
N CYS B 154 -1.24 7.32 20.57
CA CYS B 154 -2.48 7.94 21.02
C CYS B 154 -3.00 7.27 22.29
N ASN B 155 -3.84 8.00 23.05
CA ASN B 155 -4.51 7.42 24.22
C ASN B 155 -5.83 6.87 23.72
N ILE B 156 -6.03 5.57 23.84
CA ILE B 156 -7.28 4.94 23.41
C ILE B 156 -8.24 4.93 24.60
N ILE B 157 -9.39 5.59 24.46
CA ILE B 157 -10.39 5.64 25.51
C ILE B 157 -11.48 4.62 25.19
N ASN B 158 -11.65 3.62 26.06
CA ASN B 158 -12.64 2.57 25.85
C ASN B 158 -14.05 3.06 26.16
N VAL B 159 -14.98 2.87 25.21
CA VAL B 159 -16.39 3.23 25.38
C VAL B 159 -17.11 1.91 25.67
N ALA B 160 -18.00 1.89 26.69
CA ALA B 160 -18.76 0.68 27.03
C ALA B 160 -19.68 0.29 25.88
N SER B 161 -19.89 -1.01 25.75
CA SER B 161 -20.71 -1.57 24.69
C SER B 161 -21.45 -2.79 25.19
N ASP B 162 -22.49 -3.21 24.45
CA ASP B 162 -23.32 -4.37 24.79
C ASP B 162 -23.72 -5.08 23.47
N GLU B 163 -24.78 -5.91 23.49
CA GLU B 163 -25.24 -6.65 22.30
C GLU B 163 -25.69 -5.72 21.15
N SER B 164 -25.99 -4.45 21.46
CA SER B 164 -26.37 -3.47 20.44
C SER B 164 -25.23 -2.46 20.17
N GLY B 165 -23.99 -2.88 20.43
CA GLY B 165 -22.78 -2.09 20.21
C GLY B 165 -22.57 -1.01 21.25
N ILE B 166 -21.90 0.10 20.88
CA ILE B 166 -21.61 1.26 21.76
C ILE B 166 -22.88 1.71 22.50
N VAL B 167 -22.76 1.92 23.84
CA VAL B 167 -23.81 2.40 24.71
C VAL B 167 -23.65 3.94 24.69
N PRO B 168 -24.57 4.71 24.04
CA PRO B 168 -24.41 6.17 23.98
C PRO B 168 -24.25 6.88 25.33
N ASP B 169 -24.86 6.35 26.41
CA ASP B 169 -24.74 6.89 27.76
C ASP B 169 -23.29 6.83 28.25
N SER B 170 -22.54 5.75 27.89
CA SER B 170 -21.13 5.62 28.28
C SER B 170 -20.31 6.68 27.55
N LEU B 171 -20.55 6.86 26.23
CA LEU B 171 -19.89 7.89 25.40
C LEU B 171 -20.18 9.30 25.99
N ARG B 172 -21.44 9.56 26.37
CA ARG B 172 -21.89 10.81 27.00
C ARG B 172 -21.10 11.06 28.30
N ASP B 173 -20.98 10.04 29.18
CA ASP B 173 -20.25 10.12 30.46
C ASP B 173 -18.76 10.40 30.27
N ILE B 174 -18.13 9.75 29.28
CA ILE B 174 -16.73 9.95 28.94
C ILE B 174 -16.47 11.38 28.48
N LEU B 175 -17.30 11.89 27.55
CA LEU B 175 -17.14 13.23 26.97
C LEU B 175 -17.35 14.36 27.98
N SER B 176 -18.15 14.12 29.04
CA SER B 176 -18.46 15.09 30.10
C SER B 176 -17.19 15.60 30.83
N ARG B 177 -16.03 14.94 30.60
CA ARG B 177 -14.74 15.36 31.16
C ARG B 177 -14.26 16.66 30.51
N TRP B 178 -14.82 16.98 29.32
CA TRP B 178 -14.53 18.18 28.56
C TRP B 178 -15.80 19.02 28.46
N LYS B 179 -15.64 20.28 28.05
CA LYS B 179 -16.77 21.14 27.77
C LYS B 179 -16.82 21.23 26.24
N PRO B 180 -18.02 21.35 25.59
CA PRO B 180 -18.04 21.42 24.11
C PRO B 180 -17.08 22.43 23.50
N GLU B 181 -16.93 23.61 24.13
CA GLU B 181 -16.03 24.68 23.66
C GLU B 181 -14.54 24.36 23.70
N ASP B 182 -14.14 23.25 24.38
CA ASP B 182 -12.75 22.78 24.41
C ASP B 182 -12.29 22.30 23.05
N ALA B 183 -13.24 21.90 22.18
CA ALA B 183 -12.93 21.41 20.83
C ALA B 183 -12.34 22.48 19.94
N LYS B 184 -12.64 23.77 20.24
CA LYS B 184 -12.13 24.96 19.53
C LYS B 184 -10.85 25.45 20.19
N ASN B 185 -10.48 24.87 21.34
CA ASN B 185 -9.31 25.26 22.10
C ASN B 185 -8.07 24.44 21.73
N PRO B 186 -7.05 25.08 21.09
CA PRO B 186 -5.82 24.35 20.72
C PRO B 186 -5.07 23.73 21.89
N GLN B 187 -5.14 24.31 23.11
CA GLN B 187 -4.48 23.71 24.28
C GLN B 187 -5.27 22.62 25.00
N LYS B 188 -6.42 22.21 24.45
CA LYS B 188 -7.21 21.12 25.03
C LYS B 188 -7.05 19.89 24.14
N ASN B 189 -7.17 18.69 24.70
CA ASN B 189 -7.03 17.47 23.92
C ASN B 189 -8.34 16.70 23.77
N THR B 190 -9.37 17.34 23.22
CA THR B 190 -10.65 16.68 22.98
C THR B 190 -10.44 15.56 21.95
N PRO B 191 -11.22 14.46 22.00
CA PRO B 191 -10.99 13.37 21.05
C PRO B 191 -10.97 13.81 19.59
N LYS B 192 -10.02 13.26 18.82
CA LYS B 192 -9.90 13.52 17.39
C LYS B 192 -11.04 12.80 16.66
N PHE B 193 -11.32 11.54 17.06
CA PHE B 193 -12.35 10.72 16.46
C PHE B 193 -12.86 9.59 17.35
N LEU B 194 -14.00 9.03 16.95
CA LEU B 194 -14.61 7.81 17.44
C LEU B 194 -14.48 6.81 16.28
N TYR B 195 -13.91 5.64 16.56
CA TYR B 195 -13.80 4.55 15.60
C TYR B 195 -14.80 3.45 16.00
N THR B 196 -15.56 2.94 15.03
CA THR B 196 -16.44 1.81 15.29
C THR B 196 -16.68 0.97 14.05
N VAL B 197 -17.05 -0.29 14.29
CA VAL B 197 -17.42 -1.26 13.27
C VAL B 197 -18.92 -1.45 13.57
N PRO B 198 -19.80 -0.71 12.86
CA PRO B 198 -21.22 -0.69 13.24
C PRO B 198 -22.03 -1.95 12.97
N ASN B 199 -21.59 -2.77 12.02
CA ASN B 199 -22.24 -4.02 11.67
C ASN B 199 -21.27 -5.16 11.88
N GLY B 200 -21.70 -6.13 12.68
CA GLY B 200 -20.93 -7.34 12.96
C GLY B 200 -19.52 -7.07 13.38
N ASN B 201 -19.37 -6.30 14.47
CA ASN B 201 -18.09 -5.94 15.03
C ASN B 201 -17.15 -7.15 15.08
N ASN B 202 -15.91 -6.94 14.70
CA ASN B 202 -14.87 -7.95 14.73
C ASN B 202 -14.20 -7.69 16.08
N PRO B 203 -14.35 -8.58 17.09
CA PRO B 203 -14.76 -10.00 17.03
C PRO B 203 -16.14 -10.41 17.55
N THR B 204 -16.91 -9.48 18.14
CA THR B 204 -18.17 -9.79 18.84
C THR B 204 -19.36 -10.22 18.01
N GLY B 205 -19.47 -9.71 16.79
CA GLY B 205 -20.61 -9.98 15.91
C GLY B 205 -21.78 -9.06 16.13
N ASN B 206 -21.67 -8.14 17.11
CA ASN B 206 -22.72 -7.19 17.49
C ASN B 206 -22.83 -6.00 16.56
N SER B 207 -24.08 -5.53 16.35
CA SER B 207 -24.37 -4.40 15.49
C SER B 207 -25.08 -3.25 16.21
N LEU B 208 -24.76 -2.00 15.81
CA LEU B 208 -25.42 -0.79 16.32
C LEU B 208 -26.82 -0.68 15.75
N THR B 209 -27.74 -0.10 16.54
CA THR B 209 -29.08 0.18 16.06
C THR B 209 -29.06 1.62 15.47
N SER B 210 -30.11 1.97 14.71
CA SER B 210 -30.30 3.27 14.06
C SER B 210 -30.39 4.38 15.11
N GLU B 211 -31.10 4.10 16.21
CA GLU B 211 -31.31 5.05 17.31
C GLU B 211 -30.02 5.35 18.02
N ARG B 212 -29.19 4.34 18.20
CA ARG B 212 -27.91 4.54 18.87
C ARG B 212 -26.97 5.36 17.99
N LYS B 213 -26.99 5.12 16.66
CA LYS B 213 -26.19 5.88 15.69
C LYS B 213 -26.56 7.38 15.69
N LYS B 214 -27.86 7.71 15.74
CA LYS B 214 -28.34 9.10 15.81
C LYS B 214 -27.83 9.80 17.10
N GLU B 215 -27.86 9.09 18.25
CA GLU B 215 -27.39 9.63 19.54
C GLU B 215 -25.87 9.85 19.51
N ILE B 216 -25.12 8.89 18.96
CA ILE B 216 -23.67 8.97 18.81
C ILE B 216 -23.31 10.14 17.89
N TYR B 217 -24.02 10.26 16.75
CA TYR B 217 -23.78 11.37 15.81
C TYR B 217 -23.97 12.72 16.51
N GLU B 218 -25.05 12.86 17.32
CA GLU B 218 -25.31 14.10 18.06
C GLU B 218 -24.20 14.44 19.07
N LEU B 219 -23.58 13.41 19.70
CA LEU B 219 -22.45 13.62 20.61
C LEU B 219 -21.20 14.02 19.82
N ALA B 220 -21.03 13.46 18.60
CA ALA B 220 -19.90 13.79 17.71
C ALA B 220 -20.00 15.24 17.26
N ARG B 221 -21.22 15.74 17.04
CA ARG B 221 -21.45 17.14 16.68
C ARG B 221 -21.14 18.02 17.90
N LYS B 222 -21.74 17.70 19.08
CA LYS B 222 -21.57 18.46 20.33
C LYS B 222 -20.10 18.68 20.71
N TYR B 223 -19.28 17.64 20.66
CA TYR B 223 -17.86 17.73 21.05
C TYR B 223 -16.92 17.84 19.85
N ASP B 224 -17.49 17.98 18.64
CA ASP B 224 -16.78 18.15 17.37
C ASP B 224 -15.65 17.15 17.09
N PHE B 225 -15.99 15.86 17.02
CA PHE B 225 -15.00 14.84 16.65
C PHE B 225 -15.44 14.13 15.39
N LEU B 226 -14.50 13.50 14.70
CA LEU B 226 -14.84 12.73 13.48
C LEU B 226 -15.35 11.35 13.85
N ILE B 227 -16.09 10.72 12.92
CA ILE B 227 -16.56 9.35 13.09
C ILE B 227 -15.86 8.54 11.99
N ILE B 228 -15.09 7.54 12.38
CA ILE B 228 -14.46 6.63 11.42
C ILE B 228 -15.35 5.39 11.40
N GLU B 229 -16.16 5.27 10.36
CA GLU B 229 -17.10 4.18 10.16
C GLU B 229 -16.43 3.07 9.33
N ASP B 230 -15.84 2.09 10.02
CA ASP B 230 -15.17 0.96 9.38
C ASP B 230 -16.27 -0.10 9.22
N ASP B 231 -16.82 -0.25 7.99
CA ASP B 231 -17.97 -1.11 7.79
C ASP B 231 -17.74 -2.26 6.78
N PRO B 232 -16.78 -3.21 7.03
CA PRO B 232 -16.56 -4.30 6.04
C PRO B 232 -17.66 -5.36 6.02
N TYR B 233 -18.58 -5.35 7.04
CA TYR B 233 -19.68 -6.32 7.12
C TYR B 233 -21.01 -5.69 6.84
N TYR B 234 -20.99 -4.48 6.25
CA TYR B 234 -22.20 -3.77 5.86
C TYR B 234 -23.06 -4.64 4.92
N PHE B 235 -22.40 -5.33 3.97
CA PHE B 235 -23.02 -6.21 2.98
C PHE B 235 -23.17 -7.65 3.51
N LEU B 236 -23.09 -7.82 4.85
CA LEU B 236 -23.18 -9.13 5.50
C LEU B 236 -24.09 -9.10 6.73
N GLN B 237 -25.18 -8.33 6.67
CA GLN B 237 -26.12 -8.20 7.79
C GLN B 237 -27.14 -9.33 7.72
N PHE B 238 -27.38 -10.01 8.86
CA PHE B 238 -28.36 -11.12 8.89
C PHE B 238 -29.79 -10.65 9.11
N ASN B 239 -29.98 -9.47 9.68
CA ASN B 239 -31.33 -8.93 9.84
C ASN B 239 -31.84 -8.39 8.51
N SER B 240 -33.16 -8.35 8.34
CA SER B 240 -33.78 -7.85 7.11
C SER B 240 -33.54 -6.37 6.99
N GLY B 241 -33.39 -5.93 5.74
CA GLY B 241 -33.01 -4.57 5.39
C GLY B 241 -31.58 -4.25 5.77
N ARG B 242 -31.23 -2.97 5.76
CA ARG B 242 -29.93 -2.47 6.19
C ARG B 242 -30.15 -1.29 7.09
N VAL B 243 -29.49 -1.29 8.24
CA VAL B 243 -29.58 -0.21 9.21
C VAL B 243 -28.92 1.05 8.57
N PRO B 244 -29.55 2.27 8.63
CA PRO B 244 -28.90 3.49 8.09
C PRO B 244 -27.49 3.68 8.65
N THR B 245 -26.56 4.12 7.82
CA THR B 245 -25.17 4.28 8.23
C THR B 245 -24.92 5.67 8.82
N PHE B 246 -23.73 5.86 9.43
CA PHE B 246 -23.30 7.19 9.93
C PHE B 246 -23.15 8.14 8.74
N LEU B 247 -22.64 7.65 7.58
CA LEU B 247 -22.49 8.43 6.36
C LEU B 247 -23.84 8.97 5.87
N SER B 248 -24.92 8.16 5.97
CA SER B 248 -26.26 8.60 5.56
C SER B 248 -26.81 9.77 6.42
N MET B 249 -26.33 9.90 7.67
CA MET B 249 -26.78 10.99 8.57
C MET B 249 -25.75 12.12 8.70
N ASP B 250 -24.71 12.06 7.87
CA ASP B 250 -23.59 13.00 7.92
C ASP B 250 -23.84 14.42 7.37
N VAL B 251 -24.68 15.20 8.07
CA VAL B 251 -24.97 16.59 7.72
C VAL B 251 -23.71 17.49 7.88
N ASP B 252 -22.82 17.21 8.85
CA ASP B 252 -21.64 18.06 9.10
C ASP B 252 -20.42 17.80 8.23
N GLY B 253 -20.35 16.64 7.58
CA GLY B 253 -19.14 16.26 6.84
C GLY B 253 -18.07 15.81 7.82
N ARG B 254 -18.47 15.06 8.89
CA ARG B 254 -17.53 14.57 9.91
C ARG B 254 -17.31 13.05 9.85
N VAL B 255 -17.88 12.38 8.84
CA VAL B 255 -17.75 10.92 8.72
C VAL B 255 -16.76 10.50 7.63
N ILE B 256 -15.85 9.57 7.97
CA ILE B 256 -14.94 8.91 7.02
C ILE B 256 -15.41 7.45 7.05
N ARG B 257 -15.85 6.94 5.91
CA ARG B 257 -16.39 5.59 5.81
C ARG B 257 -15.46 4.69 5.03
N ALA B 258 -15.15 3.49 5.57
CA ALA B 258 -14.36 2.51 4.84
C ALA B 258 -15.29 1.35 4.44
N ASP B 259 -15.29 1.01 3.15
CA ASP B 259 -16.06 -0.12 2.63
C ASP B 259 -15.05 -1.13 2.08
N SER B 260 -15.41 -2.41 2.14
CA SER B 260 -14.54 -3.48 1.67
C SER B 260 -15.28 -4.43 0.75
N PHE B 261 -14.55 -4.96 -0.26
CA PHE B 261 -15.05 -5.99 -1.16
C PHE B 261 -14.50 -7.36 -0.75
N SER B 262 -13.69 -7.40 0.33
CA SER B 262 -13.00 -8.60 0.80
C SER B 262 -13.90 -9.78 1.17
N LYS B 263 -15.05 -9.51 1.78
CA LYS B 263 -15.98 -10.56 2.22
C LYS B 263 -17.03 -10.92 1.18
N ILE B 264 -17.19 -10.12 0.10
CA ILE B 264 -18.20 -10.33 -0.94
C ILE B 264 -17.65 -10.60 -2.35
N ILE B 265 -16.54 -9.97 -2.74
CA ILE B 265 -16.00 -10.13 -4.09
C ILE B 265 -14.67 -10.85 -4.12
N SER B 266 -13.69 -10.37 -3.32
CA SER B 266 -12.38 -10.98 -3.19
C SER B 266 -11.55 -10.22 -2.19
N SER B 267 -10.96 -10.97 -1.27
CA SER B 267 -10.06 -10.48 -0.25
C SER B 267 -8.63 -10.36 -0.81
N GLY B 268 -8.27 -11.30 -1.70
CA GLY B 268 -6.94 -11.37 -2.33
C GLY B 268 -6.64 -10.32 -3.37
N LEU B 269 -7.68 -9.74 -4.00
CA LEU B 269 -7.49 -8.69 -5.02
C LEU B 269 -7.10 -7.35 -4.41
N ARG B 270 -7.32 -7.17 -3.09
CA ARG B 270 -6.97 -5.95 -2.35
C ARG B 270 -7.65 -4.72 -2.95
N ILE B 271 -8.99 -4.71 -2.95
CA ILE B 271 -9.76 -3.58 -3.47
C ILE B 271 -10.83 -3.23 -2.45
N GLY B 272 -10.75 -2.02 -1.93
CA GLY B 272 -11.72 -1.43 -1.01
C GLY B 272 -11.88 0.02 -1.41
N PHE B 273 -12.66 0.78 -0.64
CA PHE B 273 -12.83 2.19 -0.93
C PHE B 273 -13.20 2.99 0.30
N LEU B 274 -12.77 4.23 0.31
CA LEU B 274 -13.00 5.21 1.35
C LEU B 274 -13.96 6.24 0.78
N THR B 275 -14.95 6.66 1.58
CA THR B 275 -15.90 7.73 1.25
C THR B 275 -15.84 8.73 2.39
N GLY B 276 -15.68 10.01 2.07
CA GLY B 276 -15.57 11.03 3.09
C GLY B 276 -15.45 12.43 2.55
N PRO B 277 -15.21 13.40 3.46
CA PRO B 277 -15.09 14.80 3.01
C PRO B 277 -13.88 15.01 2.12
N LYS B 278 -14.08 15.69 1.00
CA LYS B 278 -13.05 15.98 0.00
C LYS B 278 -11.69 16.43 0.59
N PRO B 279 -11.59 17.41 1.54
CA PRO B 279 -10.25 17.77 2.07
C PRO B 279 -9.51 16.60 2.76
N LEU B 280 -10.23 15.67 3.37
CA LEU B 280 -9.60 14.52 4.06
C LEU B 280 -9.23 13.42 3.08
N ILE B 281 -10.13 13.10 2.13
CA ILE B 281 -9.90 12.09 1.09
C ILE B 281 -8.69 12.49 0.24
N GLU B 282 -8.55 13.78 -0.06
CA GLU B 282 -7.41 14.35 -0.79
C GLU B 282 -6.08 14.10 -0.05
N ARG B 283 -6.06 14.24 1.30
CA ARG B 283 -4.84 13.99 2.08
C ARG B 283 -4.44 12.50 2.00
N VAL B 284 -5.44 11.60 2.05
CA VAL B 284 -5.24 10.15 1.91
C VAL B 284 -4.68 9.83 0.50
N ILE B 285 -5.27 10.42 -0.58
CA ILE B 285 -4.81 10.18 -1.96
C ILE B 285 -3.35 10.63 -2.13
N LEU B 286 -2.99 11.76 -1.50
CA LEU B 286 -1.62 12.29 -1.55
C LEU B 286 -0.61 11.37 -0.88
N HIS B 287 -1.03 10.65 0.17
CA HIS B 287 -0.19 9.67 0.86
C HIS B 287 -0.08 8.39 -0.02
N ILE B 288 -1.20 7.94 -0.61
CA ILE B 288 -1.20 6.78 -1.50
C ILE B 288 -0.21 6.99 -2.68
N GLN B 289 -0.17 8.21 -3.22
CA GLN B 289 0.68 8.64 -4.31
C GLN B 289 2.17 8.38 -4.06
N VAL B 290 2.61 8.51 -2.80
CA VAL B 290 4.01 8.26 -2.47
C VAL B 290 4.22 6.86 -1.90
N SER B 291 3.15 6.04 -1.83
CA SER B 291 3.32 4.69 -1.28
C SER B 291 2.98 3.62 -2.33
N THR B 292 1.74 3.18 -2.43
CA THR B 292 1.38 2.18 -3.44
C THR B 292 1.25 2.74 -4.87
N LEU B 293 1.17 4.09 -5.00
CA LEU B 293 0.95 4.89 -6.22
C LEU B 293 -0.51 4.78 -6.62
N HIS B 294 -1.02 3.56 -6.77
CA HIS B 294 -2.42 3.28 -7.11
C HIS B 294 -2.75 1.80 -6.86
N PRO B 295 -4.03 1.39 -6.75
CA PRO B 295 -4.33 -0.03 -6.61
C PRO B 295 -4.12 -0.69 -7.98
N SER B 296 -3.80 -1.98 -8.00
CA SER B 296 -3.60 -2.74 -9.24
C SER B 296 -4.63 -2.34 -10.31
N THR B 297 -4.17 -1.88 -11.49
CA THR B 297 -5.07 -1.49 -12.59
C THR B 297 -5.82 -2.71 -13.09
N PHE B 298 -5.13 -3.86 -13.19
CA PHE B 298 -5.68 -5.14 -13.65
C PHE B 298 -6.87 -5.54 -12.77
N ASN B 299 -6.68 -5.53 -11.43
CA ASN B 299 -7.69 -5.92 -10.46
C ASN B 299 -8.89 -4.99 -10.46
N GLN B 300 -8.65 -3.68 -10.61
CA GLN B 300 -9.73 -2.68 -10.68
C GLN B 300 -10.58 -2.90 -11.94
N LEU B 301 -9.93 -3.19 -13.08
CA LEU B 301 -10.60 -3.40 -14.37
C LEU B 301 -11.46 -4.69 -14.31
N MET B 302 -10.99 -5.75 -13.64
CA MET B 302 -11.72 -7.01 -13.47
C MET B 302 -13.03 -6.72 -12.68
N ILE B 303 -12.91 -6.05 -11.53
CA ILE B 303 -14.02 -5.69 -10.65
C ILE B 303 -14.95 -4.72 -11.37
N SER B 304 -14.39 -3.65 -11.98
CA SER B 304 -15.20 -2.67 -12.72
C SER B 304 -16.03 -3.33 -13.82
N GLN B 305 -15.43 -4.23 -14.61
CA GLN B 305 -16.14 -4.92 -15.68
C GLN B 305 -17.27 -5.79 -15.15
N LEU B 306 -17.01 -6.50 -14.04
CA LEU B 306 -18.00 -7.31 -13.36
C LEU B 306 -19.17 -6.44 -12.86
N LEU B 307 -18.86 -5.32 -12.17
CA LEU B 307 -19.89 -4.45 -11.60
C LEU B 307 -20.73 -3.78 -12.66
N HIS B 308 -20.10 -3.32 -13.77
CA HIS B 308 -20.86 -2.70 -14.87
C HIS B 308 -21.80 -3.68 -15.56
N GLU B 309 -21.37 -4.96 -15.70
CA GLU B 309 -22.20 -5.99 -16.34
C GLU B 309 -23.36 -6.40 -15.41
N TRP B 310 -23.08 -6.53 -14.11
CA TRP B 310 -24.10 -6.86 -13.11
C TRP B 310 -25.09 -5.72 -12.93
N GLY B 311 -24.60 -4.49 -12.91
CA GLY B 311 -25.38 -3.32 -12.57
C GLY B 311 -25.53 -3.32 -11.06
N GLU B 312 -26.12 -2.28 -10.50
CA GLU B 312 -26.30 -2.26 -9.05
C GLU B 312 -27.21 -3.39 -8.56
N GLU B 313 -28.24 -3.77 -9.35
CA GLU B 313 -29.16 -4.88 -9.04
C GLU B 313 -28.47 -6.24 -9.00
N GLY B 314 -27.62 -6.53 -10.00
CA GLY B 314 -26.84 -7.77 -10.03
C GLY B 314 -25.86 -7.84 -8.87
N PHE B 315 -25.31 -6.68 -8.48
CA PHE B 315 -24.41 -6.58 -7.35
C PHE B 315 -25.16 -6.93 -6.05
N MET B 316 -26.33 -6.29 -5.80
CA MET B 316 -27.15 -6.55 -4.62
C MET B 316 -27.70 -7.98 -4.59
N ALA B 317 -27.97 -8.59 -5.76
CA ALA B 317 -28.46 -9.98 -5.85
C ALA B 317 -27.33 -10.94 -5.43
N HIS B 318 -26.07 -10.62 -5.80
CA HIS B 318 -24.90 -11.38 -5.38
C HIS B 318 -24.71 -11.28 -3.85
N VAL B 319 -24.86 -10.07 -3.27
CA VAL B 319 -24.73 -9.92 -1.81
C VAL B 319 -25.81 -10.71 -1.04
N ASP B 320 -27.04 -10.77 -1.58
CA ASP B 320 -28.14 -11.58 -1.04
C ASP B 320 -27.76 -13.07 -0.99
N ARG B 321 -27.18 -13.62 -2.09
CA ARG B 321 -26.73 -15.02 -2.11
C ARG B 321 -25.60 -15.26 -1.12
N VAL B 322 -24.70 -14.28 -0.95
CA VAL B 322 -23.59 -14.38 0.02
C VAL B 322 -24.13 -14.38 1.45
N ILE B 323 -25.06 -13.47 1.77
CA ILE B 323 -25.70 -13.36 3.09
C ILE B 323 -26.41 -14.70 3.40
N ASP B 324 -27.17 -15.24 2.42
CA ASP B 324 -27.86 -16.51 2.57
C ASP B 324 -26.89 -17.63 2.97
N PHE B 325 -25.72 -17.70 2.30
CA PHE B 325 -24.70 -18.71 2.62
C PHE B 325 -24.13 -18.55 4.06
N TYR B 326 -23.72 -17.32 4.43
CA TYR B 326 -23.19 -17.02 5.77
C TYR B 326 -24.25 -17.20 6.88
N SER B 327 -25.53 -16.90 6.57
CA SER B 327 -26.65 -17.10 7.50
C SER B 327 -26.76 -18.60 7.84
N ASN B 328 -26.59 -19.49 6.84
CA ASN B 328 -26.61 -20.95 7.03
C ASN B 328 -25.39 -21.42 7.82
N GLN B 329 -24.20 -20.84 7.54
CA GLN B 329 -22.96 -21.12 8.27
C GLN B 329 -23.15 -20.71 9.75
N LYS B 330 -23.78 -19.56 9.99
CA LYS B 330 -24.07 -19.02 11.33
C LYS B 330 -24.98 -20.01 12.09
N ASP B 331 -26.04 -20.54 11.43
CA ASP B 331 -26.96 -21.50 12.05
C ASP B 331 -26.24 -22.79 12.43
N ALA B 332 -25.33 -23.28 11.54
CA ALA B 332 -24.53 -24.49 11.74
C ALA B 332 -23.56 -24.31 12.92
N ILE B 333 -22.91 -23.14 13.07
CA ILE B 333 -22.00 -22.93 14.20
C ILE B 333 -22.78 -22.80 15.53
N LEU B 334 -23.94 -22.16 15.49
CA LEU B 334 -24.81 -21.99 16.66
C LEU B 334 -25.33 -23.36 17.12
N ALA B 335 -25.71 -24.24 16.17
CA ALA B 335 -26.16 -25.62 16.46
C ALA B 335 -25.03 -26.45 17.08
N ALA B 336 -23.78 -26.29 16.58
CA ALA B 336 -22.61 -27.00 17.08
C ALA B 336 -22.25 -26.54 18.52
N ALA B 337 -22.37 -25.22 18.78
CA ALA B 337 -22.13 -24.65 20.11
C ALA B 337 -23.21 -25.12 21.06
N ASP B 338 -24.50 -25.16 20.63
CA ASP B 338 -25.60 -25.63 21.47
C ASP B 338 -25.37 -27.08 21.90
N LYS B 339 -24.94 -27.94 20.96
CA LYS B 339 -24.68 -29.35 21.19
C LYS B 339 -23.51 -29.60 22.14
N TRP B 340 -22.34 -29.00 21.86
CA TRP B 340 -21.12 -29.27 22.61
C TRP B 340 -20.74 -28.34 23.74
N LEU B 341 -21.14 -27.07 23.67
CA LEU B 341 -20.68 -26.02 24.58
C LEU B 341 -21.66 -25.56 25.65
N THR B 342 -22.94 -25.98 25.60
CA THR B 342 -23.94 -25.57 26.61
C THR B 342 -23.42 -25.95 28.01
N GLY B 343 -23.44 -24.97 28.92
CA GLY B 343 -22.95 -25.11 30.29
C GLY B 343 -21.44 -24.95 30.46
N LEU B 344 -20.70 -24.94 29.32
CA LEU B 344 -19.24 -24.80 29.30
C LEU B 344 -18.79 -23.43 28.78
N ALA B 345 -19.67 -22.78 28.00
CA ALA B 345 -19.35 -21.49 27.38
C ALA B 345 -20.59 -20.64 27.20
N GLU B 346 -20.40 -19.33 26.97
CA GLU B 346 -21.47 -18.35 26.73
C GLU B 346 -21.19 -17.64 25.40
N TRP B 347 -22.24 -17.34 24.63
CA TRP B 347 -22.14 -16.66 23.33
C TRP B 347 -23.45 -15.96 22.97
N HIS B 348 -23.38 -14.90 22.16
CA HIS B 348 -24.54 -14.17 21.63
C HIS B 348 -24.68 -14.56 20.15
N VAL B 349 -25.89 -14.48 19.60
CA VAL B 349 -26.12 -14.72 18.18
C VAL B 349 -25.54 -13.49 17.41
N PRO B 350 -24.55 -13.66 16.50
CA PRO B 350 -24.04 -12.49 15.77
C PRO B 350 -25.09 -11.91 14.81
N ALA B 351 -25.14 -10.58 14.72
CA ALA B 351 -26.09 -9.84 13.87
C ALA B 351 -25.63 -9.73 12.43
N ALA B 352 -24.32 -9.85 12.21
CA ALA B 352 -23.68 -9.69 10.92
C ALA B 352 -22.30 -10.30 10.96
N GLY B 353 -21.68 -10.46 9.80
CA GLY B 353 -20.32 -10.92 9.71
C GLY B 353 -20.07 -12.40 9.73
N MET B 354 -18.89 -12.78 10.17
CA MET B 354 -18.45 -14.17 10.12
C MET B 354 -17.87 -14.73 11.38
N PHE B 355 -18.07 -14.08 12.52
CA PHE B 355 -17.49 -14.57 13.76
C PHE B 355 -18.46 -14.83 14.88
N LEU B 356 -18.14 -15.86 15.67
CA LEU B 356 -18.83 -16.23 16.90
C LEU B 356 -17.82 -15.92 18.03
N TRP B 357 -18.23 -15.07 18.98
CA TRP B 357 -17.41 -14.64 20.11
C TRP B 357 -17.84 -15.48 21.29
N ILE B 358 -16.95 -16.38 21.75
CA ILE B 358 -17.26 -17.35 22.80
C ILE B 358 -16.54 -17.04 24.10
N LYS B 359 -17.28 -16.97 25.22
CA LYS B 359 -16.71 -16.78 26.55
C LYS B 359 -16.69 -18.15 27.26
N VAL B 360 -15.50 -18.65 27.62
CA VAL B 360 -15.37 -19.92 28.34
C VAL B 360 -15.64 -19.64 29.83
N LYS B 361 -16.57 -20.41 30.42
CA LYS B 361 -16.95 -20.29 31.84
C LYS B 361 -15.86 -20.99 32.66
N GLY B 362 -15.59 -20.49 33.84
CA GLY B 362 -14.70 -21.10 34.81
C GLY B 362 -13.20 -21.04 34.58
N ILE B 363 -12.76 -20.41 33.48
CA ILE B 363 -11.34 -20.26 33.11
C ILE B 363 -11.05 -18.76 32.94
N ASN B 364 -9.94 -18.28 33.52
CA ASN B 364 -9.52 -16.88 33.42
C ASN B 364 -8.81 -16.55 32.11
N ASP B 365 -7.99 -17.49 31.60
CA ASP B 365 -7.21 -17.30 30.37
C ASP B 365 -7.24 -18.52 29.47
N VAL B 366 -7.73 -18.32 28.26
CA VAL B 366 -7.90 -19.39 27.29
C VAL B 366 -6.68 -19.58 26.35
N LYS B 367 -5.70 -18.66 26.40
CA LYS B 367 -4.49 -18.67 25.56
C LYS B 367 -3.76 -20.01 25.45
N GLU B 368 -3.30 -20.61 26.56
CA GLU B 368 -2.60 -21.91 26.51
C GLU B 368 -3.49 -23.08 26.02
N LEU B 369 -4.81 -23.03 26.31
CA LEU B 369 -5.78 -24.02 25.85
C LEU B 369 -5.88 -23.94 24.30
N ILE B 370 -5.99 -22.71 23.77
CA ILE B 370 -6.16 -22.40 22.35
C ILE B 370 -4.88 -22.46 21.49
N GLU B 371 -3.79 -21.79 21.95
CA GLU B 371 -2.49 -21.70 21.27
C GLU B 371 -1.63 -22.94 21.36
N GLU B 372 -1.94 -23.87 22.28
CA GLU B 372 -1.13 -25.06 22.44
C GLU B 372 -1.90 -26.37 22.40
N LYS B 373 -2.80 -26.58 23.39
CA LYS B 373 -3.60 -27.81 23.51
C LYS B 373 -4.51 -28.09 22.32
N ALA B 374 -5.23 -27.07 21.82
CA ALA B 374 -6.14 -27.21 20.69
C ALA B 374 -5.40 -27.51 19.38
N VAL B 375 -4.26 -26.82 19.13
CA VAL B 375 -3.42 -26.99 17.95
C VAL B 375 -2.93 -28.43 17.84
N LYS B 376 -2.44 -28.99 18.96
CA LYS B 376 -1.98 -30.38 19.08
C LYS B 376 -3.09 -31.38 18.74
N MET B 377 -4.36 -31.05 19.09
CA MET B 377 -5.55 -31.88 18.82
C MET B 377 -6.15 -31.60 17.41
N GLY B 378 -5.48 -30.75 16.64
CA GLY B 378 -5.83 -30.41 15.26
C GLY B 378 -6.93 -29.39 15.03
N VAL B 379 -7.09 -28.42 15.97
CA VAL B 379 -8.13 -27.39 15.89
C VAL B 379 -7.53 -26.01 16.20
N LEU B 380 -7.82 -25.00 15.38
CA LEU B 380 -7.34 -23.63 15.57
C LEU B 380 -8.49 -22.64 15.73
N MET B 381 -8.42 -21.79 16.77
CA MET B 381 -9.34 -20.72 17.11
C MET B 381 -8.49 -19.53 17.59
N LEU B 382 -9.04 -18.33 17.61
CA LEU B 382 -8.25 -17.18 18.04
C LEU B 382 -8.50 -16.84 19.51
N PRO B 383 -7.47 -16.75 20.37
CA PRO B 383 -7.71 -16.29 21.76
C PRO B 383 -8.11 -14.82 21.76
N GLY B 384 -8.96 -14.42 22.69
CA GLY B 384 -9.52 -13.08 22.78
C GLY B 384 -8.59 -11.93 23.08
N ASN B 385 -7.41 -12.22 23.62
CA ASN B 385 -6.35 -11.28 24.04
C ASN B 385 -6.01 -10.27 22.97
N ALA B 386 -5.98 -10.72 21.69
CA ALA B 386 -5.64 -9.94 20.52
C ALA B 386 -6.63 -8.80 20.21
N PHE B 387 -7.80 -8.79 20.88
CA PHE B 387 -8.85 -7.80 20.61
C PHE B 387 -8.94 -6.70 21.66
N TYR B 388 -7.95 -6.62 22.54
CA TYR B 388 -7.91 -5.61 23.60
C TYR B 388 -6.60 -4.83 23.50
N VAL B 389 -6.64 -3.55 23.93
CA VAL B 389 -5.45 -2.66 23.98
C VAL B 389 -4.41 -3.32 24.87
N ASP B 390 -4.83 -3.80 26.04
CA ASP B 390 -3.95 -4.57 26.91
C ASP B 390 -4.11 -6.06 26.53
N SER B 391 -3.32 -6.50 25.55
CA SER B 391 -3.30 -7.88 25.06
C SER B 391 -2.63 -8.86 26.05
N SER B 392 -1.87 -8.34 27.01
CA SER B 392 -1.21 -9.19 28.01
C SER B 392 -2.17 -9.61 29.13
N ALA B 393 -3.28 -8.87 29.33
CA ALA B 393 -4.29 -9.21 30.33
C ALA B 393 -4.95 -10.57 29.97
N PRO B 394 -5.35 -11.37 30.98
CA PRO B 394 -5.98 -12.67 30.67
C PRO B 394 -7.36 -12.51 30.04
N SER B 395 -7.71 -13.40 29.10
CA SER B 395 -9.00 -13.36 28.44
C SER B 395 -9.67 -14.73 28.41
N PRO B 396 -10.92 -14.86 28.89
CA PRO B 396 -11.62 -16.15 28.79
C PRO B 396 -12.29 -16.33 27.42
N TYR B 397 -12.11 -15.36 26.50
CA TYR B 397 -12.78 -15.38 25.20
C TYR B 397 -11.97 -15.96 24.07
N LEU B 398 -12.68 -16.41 23.04
CA LEU B 398 -12.13 -16.85 21.79
C LEU B 398 -13.06 -16.48 20.63
N ARG B 399 -12.46 -16.20 19.48
CA ARG B 399 -13.17 -15.88 18.25
C ARG B 399 -13.11 -17.11 17.36
N ALA B 400 -14.28 -17.58 16.88
CA ALA B 400 -14.40 -18.70 15.98
C ALA B 400 -15.07 -18.23 14.72
N SER B 401 -14.42 -18.43 13.56
CA SER B 401 -14.97 -18.03 12.29
C SER B 401 -15.88 -19.12 11.77
N PHE B 402 -17.04 -18.73 11.23
CA PHE B 402 -17.95 -19.69 10.61
C PHE B 402 -17.96 -19.55 9.08
N SER B 403 -17.05 -18.77 8.51
CA SER B 403 -16.99 -18.54 7.07
C SER B 403 -16.68 -19.75 6.20
N SER B 404 -15.77 -20.65 6.67
CA SER B 404 -15.26 -21.76 5.85
C SER B 404 -15.55 -23.20 6.25
N ALA B 405 -15.54 -23.51 7.56
CA ALA B 405 -15.74 -24.88 8.01
C ALA B 405 -17.12 -25.45 7.68
N SER B 406 -17.16 -26.74 7.39
CA SER B 406 -18.40 -27.45 7.11
C SER B 406 -19.14 -27.72 8.45
N PRO B 407 -20.46 -28.04 8.45
CA PRO B 407 -21.14 -28.36 9.72
C PRO B 407 -20.48 -29.54 10.44
N GLU B 408 -19.97 -30.53 9.67
CA GLU B 408 -19.27 -31.69 10.22
C GLU B 408 -17.93 -31.30 10.84
N GLN B 409 -17.23 -30.34 10.24
CA GLN B 409 -15.96 -29.83 10.77
C GLN B 409 -16.18 -29.02 12.05
N MET B 410 -17.30 -28.26 12.12
CA MET B 410 -17.65 -27.45 13.30
C MET B 410 -17.95 -28.39 14.47
N ASP B 411 -18.68 -29.48 14.21
CA ASP B 411 -19.01 -30.51 15.18
C ASP B 411 -17.76 -31.11 15.77
N VAL B 412 -16.77 -31.49 14.92
CA VAL B 412 -15.48 -32.04 15.35
C VAL B 412 -14.71 -31.00 16.20
N ALA B 413 -14.58 -29.76 15.67
CA ALA B 413 -13.88 -28.67 16.34
C ALA B 413 -14.42 -28.38 17.76
N PHE B 414 -15.77 -28.34 17.92
CA PHE B 414 -16.43 -28.04 19.18
C PHE B 414 -16.39 -29.20 20.20
N GLN B 415 -16.32 -30.44 19.70
CA GLN B 415 -16.17 -31.65 20.50
C GLN B 415 -14.77 -31.59 21.12
N VAL B 416 -13.77 -31.17 20.34
CA VAL B 416 -12.39 -31.00 20.78
C VAL B 416 -12.35 -29.85 21.82
N LEU B 417 -13.01 -28.71 21.54
CA LEU B 417 -13.07 -27.56 22.45
C LEU B 417 -13.66 -27.98 23.79
N ALA B 418 -14.84 -28.63 23.79
CA ALA B 418 -15.55 -29.13 24.98
C ALA B 418 -14.63 -30.02 25.83
N GLN B 419 -13.90 -30.95 25.18
CA GLN B 419 -12.95 -31.87 25.80
C GLN B 419 -11.84 -31.10 26.55
N LEU B 420 -11.28 -30.08 25.90
CA LEU B 420 -10.20 -29.26 26.47
C LEU B 420 -10.68 -28.37 27.63
N ILE B 421 -11.92 -27.81 27.51
CA ILE B 421 -12.55 -27.01 28.56
C ILE B 421 -12.72 -27.91 29.78
N LYS B 422 -13.26 -29.11 29.59
CA LYS B 422 -13.44 -30.10 30.65
C LYS B 422 -12.13 -30.43 31.36
N GLU B 423 -11.05 -30.61 30.58
CA GLU B 423 -9.69 -30.89 31.07
C GLU B 423 -9.25 -29.76 31.99
N SER B 424 -9.42 -28.50 31.52
CA SER B 424 -9.04 -27.33 32.30
C SER B 424 -9.86 -27.20 33.57
N LEU B 425 -11.17 -27.54 33.52
CA LEU B 425 -12.07 -27.45 34.66
C LEU B 425 -11.69 -28.40 35.79
N LEU B 426 -11.00 -29.51 35.47
CA LEU B 426 -10.58 -30.49 36.48
C LEU B 426 -9.24 -30.15 37.13
N VAL B 427 -8.46 -29.23 36.56
CA VAL B 427 -7.16 -28.87 37.15
C VAL B 427 -7.33 -27.82 38.29
N PRO B 428 -6.98 -28.18 39.55
CA PRO B 428 -7.15 -27.23 40.67
C PRO B 428 -5.93 -26.35 40.90
C33 0LD C . 1.82 8.24 -14.90
C32 0LD C . 0.47 8.29 -15.19
C4 0LD C . 6.67 6.29 -12.19
C13 0LD C . 8.52 3.63 -8.58
C20 0LD C . 5.54 6.95 -12.73
C21 0LD C . 10.85 4.26 -7.94
C18 0LD C . 10.14 4.89 -10.10
C16 0LD C . 4.20 6.61 -12.74
C19 0LD C . 9.85 4.27 -8.89
C31 0LD C . -0.44 7.84 -14.27
C30 0LD C . -0.02 7.34 -13.05
C29 0LD C . 1.33 7.28 -12.76
C28 0LD C . 2.23 7.74 -13.69
C17 0LD C . 11.39 5.46 -10.26
C15 0LD C . 12.30 5.42 -9.23
C22 0LD C . 5.64 8.17 -13.39
C3 0LD C . 7.90 6.82 -12.32
C2 0LD C . 8.04 8.14 -13.05
C1 0LD C . 13.64 6.05 -9.41
C14 0LD C . 9.10 4.96 -11.18
N12 0LD C . 12.05 4.82 -8.07
N10 0LD C . 4.45 8.62 -13.81
N11 0LD C . 3.60 7.65 -13.41
N9 0LD C . 6.88 8.74 -13.52
N8 0LD C . 9.08 6.26 -11.85
O6 0LD C . 8.08 0.05 -8.85
O27 0LD C . 6.29 1.32 -10.09
O5 0LD C . 9.14 8.66 -13.19
O7 0LD C . 6.60 1.67 -7.60
O26 0LD C . 11.73 6.11 -11.42
O25 0LD C . 6.97 10.01 -14.14
O24 0LD C . 8.39 2.41 -9.30
P23 0LD C . 7.25 1.30 -8.92
S SO4 D . 25.16 17.39 14.70
O1 SO4 D . 24.80 18.02 13.44
O2 SO4 D . 26.34 18.07 15.26
O3 SO4 D . 24.01 17.50 15.64
O4 SO4 D . 25.51 15.98 14.48
C33 0LD E . -5.44 -14.72 7.15
C32 0LD E . -4.47 -15.48 6.55
C4 0LD E . -8.79 -9.93 7.86
C13 0LD E . -9.63 -5.27 6.64
C20 0LD E . -7.90 -11.01 7.86
C21 0LD E . -10.94 -3.98 8.30
C18 0LD E . -11.11 -6.34 8.42
C16 0LD E . -6.95 -11.44 6.95
C19 0LD E . -10.58 -5.22 7.80
C31 0LD E . -3.47 -14.89 5.80
C30 0LD E . -3.44 -13.52 5.66
C29 0LD E . -4.42 -12.74 6.24
C28 0LD E . -5.40 -13.35 6.98
C17 0LD E . -11.94 -6.15 9.49
C15 0LD E . -12.24 -4.88 9.95
C22 0LD E . -7.83 -11.89 8.94
C3 0LD E . -9.61 -9.69 8.90
C2 0LD E . -9.55 -10.62 10.09
C1 0LD E . -13.15 -4.67 11.11
C14 0LD E . -10.75 -7.71 7.92
N12 0LD E . -11.74 -3.78 9.36
N10 0LD E . -6.92 -12.86 8.75
N11 0LD E . -6.41 -12.56 7.54
N9 0LD E . -8.65 -11.69 10.00
N8 0LD E . -10.53 -8.66 8.99
O6 0LD E . -10.84 -4.81 3.27
O27 0LD E . -9.43 -6.89 3.49
O5 0LD E . -10.25 -10.45 11.08
O7 0LD E . -8.42 -4.66 4.09
O26 0LD E . -12.52 -7.22 10.17
O25 0LD E . -8.53 -12.54 11.11
O24 0LD E . -10.32 -5.68 5.47
P23 0LD E . -9.68 -5.49 3.98
S SO4 F . 0.63 1.74 2.05
O1 SO4 F . 0.31 2.43 0.89
O2 SO4 F . 1.23 2.62 2.98
O3 SO4 F . -0.58 1.23 2.60
O4 SO4 F . 1.50 0.73 1.78
S SO4 G . -7.05 17.82 28.22
O1 SO4 G . -6.57 19.09 27.69
O2 SO4 G . -7.71 18.06 29.49
O3 SO4 G . -7.98 17.27 27.28
O4 SO4 G . -5.89 16.92 28.41
S SO4 H . -32.45 -1.96 -1.76
O1 SO4 H . -32.07 -1.81 -3.18
O2 SO4 H . -32.27 -0.68 -1.07
O3 SO4 H . -33.85 -2.40 -1.67
O4 SO4 H . -31.60 -2.96 -1.12
#